data_6Z5H
#
_entry.id   6Z5H
#
_cell.length_a   52.371
_cell.length_b   140.215
_cell.length_c   96.821
_cell.angle_alpha   90.000
_cell.angle_beta   101.793
_cell.angle_gamma   90.000
#
_symmetry.space_group_name_H-M   'P 1 21 1'
#
loop_
_entity.id
_entity.type
_entity.pdbx_description
1 polymer Exotoxin
2 non-polymer 'SODIUM ION'
3 non-polymer DI(HYDROXYETHYL)ETHER
4 non-polymer 'ACETATE ION'
5 water water
#
_entity_poly.entity_id   1
_entity_poly.type   'polypeptide(L)'
_entity_poly.pdbx_seq_one_letter_code
;MHHHHHHENLYFQGADESFNLWQECATRCTLDLAQGVRASQLDVASLLGEQAGSGVLHYSMVLEEGGDSLKLALGNALTL
RTDGTTITLTSATAGKGPRTYSYTRQGRGNWSLHWLVPVGDDAPASIKVFFHELDAGSEVSHISPIYSIEVSDDLLRTMA
SNSTLFVRHVENNEINRSLTLSAAGVGFVAAPTQHSRQKRWSEWHTGKVLCLLDPLDAVYNYLSQRTCNLGDTWEGKVYR
VLAGTPASHDTHIVPTAISHRLHFAKGDGLAALTTHQVCAIPLESLARSRQPRGWEELSQCGYPVHNLVTLYLLTRLPWS
QLDTVITQALANTTPEDGSTPRGQLAQAIRENPAQARLALSMAAAQSDAFSHQQAGNSQEQAASADVVNLTCPAADLNCL
APADSADALQERDYPNGASFLGDGDEVSFSTAGTRNWSVTRLEQAHRQLLARGYLFVGYHGTFLEAAHSIVFEGVHERDQ
SSIAPWQGFYVAGDPALAYGYAQDQEADARGRIRNGVLLRVYVPRAALPRLFATQQTLAAPGAVDEIGRLIGHPLPLQLE
AITGPEEEGGRLATILGWRLAEQAVVIPSTIPTDPRNVGGDLDPASVPQEESAISTLPDYTTQPRDEL
;
_entity_poly.pdbx_strand_id   AAA,BBB
#
# COMPACT_ATOMS: atom_id res chain seq x y z
N GLU A 17 40.51 -26.42 -14.26
CA GLU A 17 39.23 -26.15 -13.53
C GLU A 17 39.03 -24.64 -13.28
N SER A 18 39.87 -23.77 -13.86
CA SER A 18 39.73 -22.30 -13.73
C SER A 18 38.79 -21.76 -14.82
N PHE A 19 38.42 -20.48 -14.70
CA PHE A 19 37.68 -19.69 -15.74
C PHE A 19 37.96 -18.21 -15.49
N ASN A 20 37.63 -17.34 -16.45
CA ASN A 20 37.66 -15.86 -16.32
C ASN A 20 36.22 -15.34 -16.28
N LEU A 21 35.70 -15.07 -15.08
CA LEU A 21 34.32 -14.57 -14.85
C LEU A 21 34.07 -13.36 -15.76
N TRP A 22 34.98 -12.38 -15.75
CA TRP A 22 34.77 -11.04 -16.35
C TRP A 22 34.99 -11.07 -17.88
N GLN A 23 35.70 -12.05 -18.44
CA GLN A 23 35.87 -12.19 -19.92
C GLN A 23 34.76 -13.07 -20.49
N GLU A 24 34.54 -14.25 -19.92
CA GLU A 24 33.60 -15.27 -20.46
C GLU A 24 32.15 -14.91 -20.12
N CYS A 25 31.88 -14.38 -18.92
CA CYS A 25 30.50 -14.25 -18.36
C CYS A 25 30.02 -12.80 -18.40
N ALA A 26 30.81 -11.88 -18.96
CA ALA A 26 30.46 -10.45 -19.14
C ALA A 26 29.15 -10.32 -19.92
N THR A 27 28.95 -11.18 -20.93
CA THR A 27 27.68 -11.28 -21.68
C THR A 27 26.87 -12.45 -21.14
N ARG A 28 27.37 -13.67 -21.33
CA ARG A 28 26.71 -14.93 -20.88
C ARG A 28 27.63 -16.12 -21.12
N CYS A 29 27.82 -16.94 -20.08
CA CYS A 29 28.66 -18.16 -20.05
C CYS A 29 27.85 -19.29 -19.40
N THR A 30 28.05 -20.53 -19.85
CA THR A 30 27.56 -21.76 -19.19
C THR A 30 28.77 -22.57 -18.71
N LEU A 31 28.98 -22.62 -17.39
CA LEU A 31 30.09 -23.36 -16.74
C LEU A 31 29.64 -24.80 -16.48
N ASP A 32 30.53 -25.76 -16.78
CA ASP A 32 30.33 -27.20 -16.46
C ASP A 32 30.75 -27.39 -15.00
N LEU A 33 29.87 -27.95 -14.17
CA LEU A 33 30.12 -28.26 -12.73
C LEU A 33 30.06 -29.77 -12.47
N ALA A 34 30.00 -30.60 -13.53
CA ALA A 34 29.93 -32.08 -13.44
C ALA A 34 31.22 -32.64 -12.82
N GLN A 35 32.38 -32.07 -13.16
CA GLN A 35 33.71 -32.51 -12.66
C GLN A 35 34.06 -31.82 -11.34
N GLY A 36 33.10 -31.15 -10.68
CA GLY A 36 33.31 -30.51 -9.37
C GLY A 36 33.52 -29.01 -9.46
N VAL A 37 34.45 -28.47 -8.66
CA VAL A 37 34.60 -27.03 -8.32
C VAL A 37 35.22 -26.26 -9.50
N ARG A 38 34.69 -25.07 -9.79
CA ARG A 38 35.24 -24.10 -10.78
C ARG A 38 35.63 -22.81 -10.04
N ALA A 39 36.78 -22.25 -10.40
CA ALA A 39 37.42 -21.09 -9.74
C ALA A 39 37.81 -20.02 -10.77
N SER A 40 37.67 -18.75 -10.42
CA SER A 40 38.10 -17.56 -11.20
C SER A 40 38.77 -16.56 -10.26
N GLN A 41 39.89 -15.96 -10.68
CA GLN A 41 40.56 -14.88 -9.92
C GLN A 41 39.81 -13.57 -10.18
N LEU A 42 39.42 -12.87 -9.11
CA LEU A 42 38.86 -11.50 -9.17
C LEU A 42 39.98 -10.54 -8.75
N ASP A 43 40.95 -10.33 -9.65
CA ASP A 43 42.06 -9.34 -9.51
C ASP A 43 41.52 -7.96 -9.90
N VAL A 44 41.18 -7.14 -8.90
CA VAL A 44 40.76 -5.72 -9.06
C VAL A 44 41.97 -4.79 -8.80
N ALA A 45 42.99 -5.29 -8.09
CA ALA A 45 44.21 -4.56 -7.68
C ALA A 45 44.92 -3.97 -8.92
N SER A 46 45.11 -4.80 -9.95
CA SER A 46 45.70 -4.41 -11.25
C SER A 46 44.84 -3.33 -11.91
N LEU A 47 43.56 -3.61 -12.11
CA LEU A 47 42.57 -2.73 -12.79
C LEU A 47 42.47 -1.38 -12.07
N LEU A 48 42.48 -1.39 -10.73
CA LEU A 48 42.36 -0.16 -9.89
C LEU A 48 43.54 0.77 -10.19
N GLY A 49 44.75 0.24 -10.10
CA GLY A 49 46.01 1.01 -10.14
C GLY A 49 46.51 1.29 -8.74
N GLU A 50 47.76 1.74 -8.61
CA GLU A 50 48.46 1.99 -7.32
C GLU A 50 47.61 2.93 -6.46
N GLN A 51 47.22 4.09 -7.00
CA GLN A 51 46.44 5.12 -6.27
C GLN A 51 45.25 5.61 -7.12
N ALA A 52 44.17 4.83 -7.11
CA ALA A 52 42.81 5.23 -7.55
C ALA A 52 42.06 5.86 -6.37
N GLY A 53 42.65 5.78 -5.17
CA GLY A 53 42.17 6.46 -3.95
C GLY A 53 41.13 5.65 -3.19
N SER A 54 40.32 6.33 -2.39
CA SER A 54 39.28 5.78 -1.50
C SER A 54 37.94 5.70 -2.26
N GLY A 55 37.14 4.64 -2.07
CA GLY A 55 35.84 4.50 -2.73
C GLY A 55 35.18 3.14 -2.51
N VAL A 56 34.31 2.76 -3.44
CA VAL A 56 33.43 1.58 -3.35
C VAL A 56 33.58 0.71 -4.61
N LEU A 57 34.00 -0.55 -4.43
CA LEU A 57 33.88 -1.60 -5.47
C LEU A 57 32.47 -2.19 -5.45
N HIS A 58 31.80 -2.23 -6.61
CA HIS A 58 30.51 -2.90 -6.83
C HIS A 58 30.71 -4.09 -7.79
N TYR A 59 30.83 -5.30 -7.24
CA TYR A 59 30.82 -6.59 -7.97
C TYR A 59 29.36 -6.97 -8.19
N SER A 60 29.01 -7.48 -9.36
CA SER A 60 27.64 -7.97 -9.66
C SER A 60 27.69 -9.01 -10.76
N MET A 61 26.66 -9.83 -10.81
CA MET A 61 26.48 -10.89 -11.83
C MET A 61 25.08 -11.45 -11.67
N VAL A 62 24.49 -11.95 -12.76
CA VAL A 62 23.15 -12.59 -12.79
C VAL A 62 23.38 -14.10 -12.85
N LEU A 63 22.74 -14.83 -11.95
CA LEU A 63 22.77 -16.32 -11.90
C LEU A 63 21.47 -16.84 -12.50
N GLU A 64 21.57 -17.69 -13.54
CA GLU A 64 20.41 -18.19 -14.32
C GLU A 64 20.24 -19.68 -14.01
N GLU A 65 20.19 -20.54 -15.03
CA GLU A 65 20.05 -22.01 -14.86
C GLU A 65 21.22 -22.53 -14.00
N GLY A 66 20.93 -23.36 -12.99
CA GLY A 66 21.91 -23.88 -12.02
C GLY A 66 22.05 -23.03 -10.76
N GLY A 67 21.39 -21.86 -10.71
CA GLY A 67 21.60 -20.86 -9.63
C GLY A 67 20.77 -21.16 -8.39
N ASP A 68 19.98 -22.23 -8.42
CA ASP A 68 19.08 -22.66 -7.33
C ASP A 68 19.67 -23.87 -6.57
N SER A 69 20.89 -24.29 -6.89
CA SER A 69 21.54 -25.45 -6.22
C SER A 69 23.06 -25.29 -6.23
N LEU A 70 23.58 -24.29 -5.52
CA LEU A 70 24.99 -23.85 -5.63
C LEU A 70 25.59 -23.59 -4.26
N LYS A 71 26.91 -23.72 -4.17
CA LYS A 71 27.74 -23.15 -3.09
C LYS A 71 28.76 -22.25 -3.78
N LEU A 72 28.73 -20.95 -3.47
CA LEU A 72 29.71 -19.94 -3.95
C LEU A 72 30.55 -19.50 -2.75
N ALA A 73 31.86 -19.34 -2.95
CA ALA A 73 32.79 -18.74 -1.98
C ALA A 73 33.37 -17.47 -2.61
N LEU A 74 32.90 -16.29 -2.18
CA LEU A 74 33.29 -14.95 -2.69
C LEU A 74 34.65 -14.58 -2.12
N GLY A 75 35.17 -15.40 -1.21
CA GLY A 75 36.47 -15.22 -0.53
C GLY A 75 36.66 -16.29 0.52
N ASN A 76 37.80 -16.28 1.20
CA ASN A 76 38.10 -17.23 2.30
C ASN A 76 37.08 -17.00 3.45
N ALA A 77 36.29 -18.03 3.77
CA ALA A 77 35.28 -18.01 4.84
C ALA A 77 34.21 -16.94 4.58
N LEU A 78 33.85 -16.70 3.32
CA LEU A 78 32.59 -16.01 2.93
C LEU A 78 31.88 -16.87 1.89
N THR A 79 30.80 -17.54 2.29
CA THR A 79 30.14 -18.61 1.52
C THR A 79 28.68 -18.22 1.29
N LEU A 80 28.20 -18.52 0.09
CA LEU A 80 26.79 -18.34 -0.34
C LEU A 80 26.23 -19.72 -0.71
N ARG A 81 25.07 -20.06 -0.15
CA ARG A 81 24.39 -21.36 -0.36
C ARG A 81 22.98 -21.06 -0.87
N THR A 82 22.64 -21.58 -2.04
CA THR A 82 21.34 -21.37 -2.74
C THR A 82 20.77 -22.77 -3.02
N ASP A 83 19.63 -23.11 -2.43
CA ASP A 83 18.92 -24.41 -2.60
C ASP A 83 17.56 -24.18 -3.29
N GLY A 84 17.32 -22.98 -3.82
CA GLY A 84 16.04 -22.60 -4.46
C GLY A 84 15.01 -22.08 -3.46
N THR A 85 15.02 -22.53 -2.20
CA THR A 85 14.13 -22.08 -1.10
C THR A 85 14.70 -20.82 -0.43
N THR A 86 15.97 -20.89 -0.03
CA THR A 86 16.72 -19.80 0.66
C THR A 86 17.99 -19.48 -0.13
N ILE A 87 18.51 -18.27 0.07
CA ILE A 87 19.91 -17.88 -0.23
C ILE A 87 20.51 -17.51 1.12
N THR A 88 21.52 -18.27 1.58
CA THR A 88 22.16 -18.06 2.89
C THR A 88 23.59 -17.57 2.68
N LEU A 89 24.03 -16.70 3.57
CA LEU A 89 25.36 -16.05 3.56
C LEU A 89 26.03 -16.38 4.90
N THR A 90 27.15 -17.09 4.87
CA THR A 90 27.99 -17.44 6.04
C THR A 90 29.33 -16.71 5.90
N SER A 91 29.73 -15.92 6.90
CA SER A 91 30.97 -15.10 6.86
C SER A 91 31.72 -15.22 8.17
N ALA A 92 33.05 -15.27 8.08
CA ALA A 92 33.95 -14.92 9.20
C ALA A 92 33.80 -13.43 9.48
N THR A 93 34.04 -13.02 10.73
CA THR A 93 33.85 -11.63 11.23
C THR A 93 35.08 -11.20 12.02
N ALA A 94 35.20 -9.89 12.29
CA ALA A 94 36.22 -9.29 13.17
C ALA A 94 35.83 -9.48 14.64
N GLY A 95 34.69 -10.15 14.90
CA GLY A 95 34.12 -10.35 16.25
C GLY A 95 34.36 -11.76 16.74
N LYS A 96 33.40 -12.31 17.49
CA LYS A 96 33.59 -13.50 18.34
C LYS A 96 33.59 -14.78 17.48
N GLY A 97 32.72 -14.85 16.48
CA GLY A 97 32.61 -16.01 15.57
C GLY A 97 31.93 -15.63 14.27
N PRO A 98 31.75 -16.60 13.35
CA PRO A 98 31.10 -16.33 12.06
C PRO A 98 29.61 -16.09 12.25
N ARG A 99 28.96 -15.40 11.31
CA ARG A 99 27.49 -15.19 11.34
CA ARG A 99 27.50 -15.12 11.31
C ARG A 99 26.88 -15.67 10.03
N THR A 100 25.63 -16.12 10.12
CA THR A 100 24.79 -16.67 9.03
C THR A 100 23.57 -15.74 8.86
N TYR A 101 23.31 -15.29 7.64
CA TYR A 101 22.06 -14.61 7.22
C TYR A 101 21.38 -15.45 6.14
N SER A 102 20.06 -15.51 6.20
CA SER A 102 19.20 -16.43 5.40
C SER A 102 18.03 -15.62 4.84
N TYR A 103 17.99 -15.49 3.53
CA TYR A 103 16.91 -14.82 2.77
C TYR A 103 15.98 -15.91 2.17
N THR A 104 14.71 -15.89 2.56
CA THR A 104 13.66 -16.75 1.93
C THR A 104 13.31 -16.17 0.56
N ARG A 105 13.65 -16.90 -0.51
CA ARG A 105 13.29 -16.54 -1.90
C ARG A 105 11.78 -16.28 -1.95
N GLN A 106 11.35 -15.12 -2.45
CA GLN A 106 9.91 -14.76 -2.58
C GLN A 106 9.45 -15.13 -4.00
N GLY A 107 10.39 -15.44 -4.89
CA GLY A 107 10.14 -15.80 -6.29
C GLY A 107 11.05 -16.91 -6.79
N ARG A 108 11.03 -17.14 -8.10
CA ARG A 108 11.69 -18.29 -8.78
C ARG A 108 12.29 -17.78 -10.08
N GLY A 109 13.38 -18.38 -10.54
CA GLY A 109 14.06 -17.95 -11.77
C GLY A 109 15.32 -17.17 -11.44
N ASN A 110 15.71 -16.27 -12.34
CA ASN A 110 17.03 -15.60 -12.34
C ASN A 110 17.13 -14.65 -11.15
N TRP A 111 18.35 -14.42 -10.66
CA TRP A 111 18.61 -13.44 -9.58
C TRP A 111 20.00 -12.82 -9.75
N SER A 112 20.12 -11.60 -9.22
CA SER A 112 21.35 -10.77 -9.27
C SER A 112 22.06 -10.87 -7.92
N LEU A 113 23.32 -11.26 -7.93
CA LEU A 113 24.22 -11.20 -6.74
C LEU A 113 24.97 -9.87 -6.80
N HIS A 114 24.86 -9.06 -5.74
CA HIS A 114 25.60 -7.78 -5.58
C HIS A 114 26.43 -7.83 -4.30
N TRP A 115 27.69 -7.42 -4.35
CA TRP A 115 28.44 -7.10 -3.12
C TRP A 115 29.27 -5.82 -3.31
N LEU A 116 29.25 -4.97 -2.28
CA LEU A 116 29.92 -3.66 -2.18
C LEU A 116 31.08 -3.79 -1.21
N VAL A 117 32.27 -3.44 -1.65
CA VAL A 117 33.51 -3.52 -0.84
C VAL A 117 34.10 -2.13 -0.82
N PRO A 118 34.23 -1.52 0.38
CA PRO A 118 34.83 -0.20 0.50
C PRO A 118 36.34 -0.32 0.35
N VAL A 119 36.99 0.70 -0.22
CA VAL A 119 38.46 0.77 -0.43
C VAL A 119 39.01 2.00 0.28
N GLY A 120 40.15 1.87 0.95
CA GLY A 120 40.84 3.00 1.59
C GLY A 120 41.21 2.69 3.03
N ASP A 121 42.20 3.40 3.56
CA ASP A 121 42.71 3.23 4.95
C ASP A 121 41.65 3.65 5.97
N ASP A 122 40.86 4.69 5.68
CA ASP A 122 39.85 5.24 6.62
C ASP A 122 38.43 4.82 6.21
N ALA A 123 38.27 3.85 5.30
CA ALA A 123 36.97 3.41 4.76
C ALA A 123 36.25 2.54 5.80
N PRO A 124 34.92 2.36 5.71
CA PRO A 124 34.21 1.56 6.70
C PRO A 124 34.76 0.13 6.74
N ALA A 125 34.61 -0.54 7.89
CA ALA A 125 35.14 -1.89 8.13
C ALA A 125 34.04 -2.94 7.91
N SER A 126 33.13 -2.71 6.96
CA SER A 126 32.05 -3.67 6.59
C SER A 126 31.89 -3.77 5.08
N ILE A 127 31.37 -4.90 4.62
CA ILE A 127 30.95 -5.11 3.20
C ILE A 127 29.42 -5.19 3.17
N LYS A 128 28.83 -4.91 2.01
CA LYS A 128 27.38 -5.11 1.73
C LYS A 128 27.27 -6.31 0.79
N VAL A 129 26.29 -7.18 1.05
CA VAL A 129 25.83 -8.24 0.11
C VAL A 129 24.31 -8.14 0.04
N PHE A 130 23.73 -8.24 -1.15
CA PHE A 130 22.25 -8.24 -1.32
C PHE A 130 21.91 -8.95 -2.64
N PHE A 131 20.67 -9.44 -2.70
CA PHE A 131 20.15 -10.27 -3.80
C PHE A 131 18.92 -9.59 -4.39
N HIS A 132 18.86 -9.50 -5.71
CA HIS A 132 17.67 -9.03 -6.47
C HIS A 132 17.12 -10.19 -7.31
N GLU A 133 15.92 -10.65 -7.01
CA GLU A 133 15.20 -11.68 -7.80
C GLU A 133 14.58 -11.01 -9.03
N LEU A 134 14.80 -11.57 -10.22
CA LEU A 134 14.37 -10.99 -11.51
C LEU A 134 13.19 -11.79 -12.10
N ASP A 135 12.31 -11.15 -12.87
CA ASP A 135 11.20 -11.82 -13.60
C ASP A 135 11.64 -12.10 -15.04
N ALA A 136 10.72 -12.59 -15.88
CA ALA A 136 10.91 -12.88 -17.32
C ALA A 136 11.60 -11.70 -18.02
N GLY A 137 11.17 -10.46 -17.74
CA GLY A 137 11.64 -9.24 -18.42
C GLY A 137 13.00 -8.74 -17.96
N SER A 138 13.67 -9.45 -17.04
CA SER A 138 14.97 -9.05 -16.42
C SER A 138 14.81 -7.78 -15.58
N GLU A 139 13.59 -7.50 -15.09
CA GLU A 139 13.31 -6.44 -14.08
C GLU A 139 13.37 -7.07 -12.68
N VAL A 140 13.68 -6.27 -11.67
CA VAL A 140 13.72 -6.71 -10.24
C VAL A 140 12.28 -6.89 -9.75
N SER A 141 11.92 -8.10 -9.32
CA SER A 141 10.57 -8.44 -8.80
C SER A 141 10.58 -8.51 -7.26
N HIS A 142 11.72 -8.82 -6.63
CA HIS A 142 11.86 -8.86 -5.16
C HIS A 142 13.30 -8.50 -4.75
N ILE A 143 13.47 -7.88 -3.58
CA ILE A 143 14.83 -7.54 -3.05
C ILE A 143 14.99 -8.20 -1.68
N SER A 144 16.21 -8.69 -1.42
CA SER A 144 16.67 -9.11 -0.09
C SER A 144 16.94 -7.86 0.74
N PRO A 145 17.07 -7.99 2.07
CA PRO A 145 17.75 -6.99 2.88
C PRO A 145 19.15 -6.74 2.29
N ILE A 146 19.70 -5.54 2.51
CA ILE A 146 21.15 -5.27 2.35
C ILE A 146 21.83 -5.81 3.59
N TYR A 147 22.62 -6.87 3.47
CA TYR A 147 23.38 -7.50 4.58
C TYR A 147 24.72 -6.78 4.73
N SER A 148 24.89 -6.09 5.85
CA SER A 148 26.14 -5.37 6.21
C SER A 148 26.86 -6.16 7.30
N ILE A 149 28.04 -6.69 6.96
CA ILE A 149 28.87 -7.56 7.83
C ILE A 149 30.23 -6.90 8.07
N GLU A 150 30.61 -6.76 9.34
CA GLU A 150 31.98 -6.41 9.78
C GLU A 150 32.83 -7.67 9.67
N VAL A 151 33.31 -7.94 8.46
CA VAL A 151 34.10 -9.17 8.14
C VAL A 151 35.46 -9.06 8.82
N SER A 152 36.20 -10.19 8.84
CA SER A 152 37.63 -10.28 9.20
C SER A 152 38.44 -9.26 8.39
N ASP A 153 39.54 -8.79 8.96
CA ASP A 153 40.48 -7.85 8.30
C ASP A 153 41.06 -8.50 7.03
N ASP A 154 41.25 -9.82 7.07
CA ASP A 154 41.68 -10.67 5.91
C ASP A 154 40.72 -10.43 4.73
N LEU A 155 39.40 -10.56 4.94
CA LEU A 155 38.37 -10.38 3.89
C LEU A 155 38.37 -8.93 3.38
N LEU A 156 38.52 -7.93 4.26
CA LEU A 156 38.49 -6.51 3.86
C LEU A 156 39.59 -6.22 2.82
N ARG A 157 40.78 -6.79 3.01
CA ARG A 157 41.96 -6.56 2.13
C ARG A 157 41.78 -7.39 0.87
N THR A 158 41.43 -8.68 1.03
CA THR A 158 41.31 -9.68 -0.06
C THR A 158 40.24 -9.23 -1.06
N MET A 159 39.04 -8.89 -0.58
CA MET A 159 37.89 -8.58 -1.44
C MET A 159 38.07 -7.23 -2.14
N ALA A 160 39.13 -6.49 -1.79
CA ALA A 160 39.46 -5.16 -2.35
C ALA A 160 40.67 -5.21 -3.31
N SER A 161 41.29 -6.37 -3.52
CA SER A 161 42.56 -6.48 -4.29
C SER A 161 42.54 -7.69 -5.23
N ASN A 162 42.60 -8.89 -4.67
CA ASN A 162 42.63 -10.17 -5.43
C ASN A 162 41.92 -11.24 -4.61
N SER A 163 40.73 -11.63 -5.06
CA SER A 163 39.85 -12.62 -4.38
C SER A 163 39.52 -13.73 -5.37
N THR A 164 39.21 -14.93 -4.87
CA THR A 164 38.95 -16.14 -5.69
C THR A 164 37.49 -16.55 -5.51
N LEU A 165 36.73 -16.53 -6.62
CA LEU A 165 35.32 -17.02 -6.66
C LEU A 165 35.33 -18.52 -6.98
N PHE A 166 35.01 -19.36 -5.99
CA PHE A 166 34.78 -20.81 -6.15
C PHE A 166 33.29 -21.06 -6.39
N VAL A 167 32.98 -21.98 -7.30
CA VAL A 167 31.60 -22.36 -7.71
C VAL A 167 31.50 -23.89 -7.70
N ARG A 168 30.60 -24.45 -6.91
CA ARG A 168 30.34 -25.91 -6.84
C ARG A 168 28.83 -26.17 -6.94
N HIS A 169 28.41 -27.11 -7.79
CA HIS A 169 27.00 -27.59 -7.80
C HIS A 169 26.81 -28.38 -6.49
N VAL A 170 25.62 -28.28 -5.89
CA VAL A 170 25.24 -29.10 -4.71
C VAL A 170 24.11 -30.02 -5.18
N GLU A 171 24.20 -31.32 -4.87
CA GLU A 171 23.31 -32.36 -5.40
C GLU A 171 21.88 -32.13 -4.92
N ASN A 172 20.94 -32.11 -5.87
CA ASN A 172 19.47 -32.08 -5.68
C ASN A 172 18.88 -33.06 -6.71
N ASN A 173 17.65 -32.85 -7.17
CA ASN A 173 16.98 -33.76 -8.14
C ASN A 173 17.33 -33.37 -9.58
N GLU A 174 18.08 -32.28 -9.79
CA GLU A 174 18.49 -31.82 -11.14
C GLU A 174 19.44 -32.84 -11.77
N ILE A 175 19.15 -33.23 -13.02
CA ILE A 175 19.95 -34.20 -13.81
C ILE A 175 21.24 -33.50 -14.24
N ASN A 176 21.14 -32.21 -14.61
CA ASN A 176 22.23 -31.41 -15.22
C ASN A 176 23.01 -30.70 -14.11
N ARG A 177 24.32 -30.57 -14.30
CA ARG A 177 25.27 -29.97 -13.33
C ARG A 177 26.05 -28.85 -14.04
N SER A 178 25.35 -27.76 -14.36
CA SER A 178 25.92 -26.56 -15.04
C SER A 178 25.37 -25.29 -14.40
N LEU A 179 26.10 -24.18 -14.54
CA LEU A 179 25.69 -22.85 -14.06
C LEU A 179 25.83 -21.86 -15.22
N THR A 180 24.75 -21.16 -15.55
CA THR A 180 24.75 -20.05 -16.53
C THR A 180 24.77 -18.74 -15.73
N LEU A 181 25.82 -17.94 -15.94
CA LEU A 181 25.97 -16.56 -15.41
C LEU A 181 25.82 -15.59 -16.58
N SER A 182 25.31 -14.39 -16.32
CA SER A 182 25.33 -13.27 -17.30
C SER A 182 25.69 -11.97 -16.59
N ALA A 183 26.09 -10.95 -17.35
CA ALA A 183 26.20 -9.55 -16.92
C ALA A 183 27.14 -9.46 -15.71
N ALA A 184 28.12 -10.36 -15.65
CA ALA A 184 29.17 -10.33 -14.61
C ALA A 184 30.04 -9.11 -14.84
N GLY A 185 30.39 -8.40 -13.77
CA GLY A 185 31.24 -7.20 -13.86
C GLY A 185 31.56 -6.65 -12.48
N VAL A 186 32.49 -5.70 -12.45
CA VAL A 186 32.88 -4.92 -11.23
C VAL A 186 33.01 -3.45 -11.65
N GLY A 187 32.29 -2.58 -10.96
CA GLY A 187 32.44 -1.11 -11.06
C GLY A 187 33.21 -0.56 -9.86
N PHE A 188 33.75 0.64 -9.99
CA PHE A 188 34.41 1.38 -8.89
C PHE A 188 33.95 2.85 -8.92
N VAL A 189 33.43 3.32 -7.79
CA VAL A 189 33.06 4.74 -7.55
C VAL A 189 34.10 5.32 -6.59
N ALA A 190 34.79 6.35 -7.06
CA ALA A 190 35.82 7.09 -6.29
C ALA A 190 35.09 8.09 -5.40
N ALA A 191 35.46 8.15 -4.13
CA ALA A 191 34.87 9.09 -3.15
C ALA A 191 35.34 10.51 -3.49
N PRO A 192 34.42 11.49 -3.66
CA PRO A 192 34.80 12.90 -3.81
C PRO A 192 35.93 13.28 -2.84
N THR A 193 36.99 13.87 -3.38
CA THR A 193 38.23 14.23 -2.65
C THR A 193 37.97 15.49 -1.83
N GLN A 194 37.16 15.38 -0.79
CA GLN A 194 36.77 16.51 0.10
C GLN A 194 36.23 15.94 1.41
N HIS A 195 35.75 16.79 2.31
CA HIS A 195 34.86 16.43 3.45
C HIS A 195 35.64 15.56 4.44
N SER A 196 35.25 15.63 5.72
CA SER A 196 35.64 14.71 6.82
C SER A 196 35.32 13.26 6.41
N ARG A 197 36.01 12.28 6.99
CA ARG A 197 35.69 10.84 6.82
C ARG A 197 34.25 10.61 7.30
N GLN A 198 33.86 11.21 8.44
CA GLN A 198 32.52 11.02 9.07
C GLN A 198 31.44 11.32 8.02
N LYS A 199 31.57 12.47 7.35
CA LYS A 199 30.58 12.94 6.35
C LYS A 199 30.65 12.08 5.08
N ARG A 200 31.85 11.73 4.63
CA ARG A 200 32.09 10.91 3.41
C ARG A 200 31.28 9.60 3.48
N TRP A 201 31.29 8.93 4.64
CA TRP A 201 30.77 7.56 4.78
C TRP A 201 29.47 7.56 5.59
N SER A 202 28.81 8.71 5.71
CA SER A 202 27.64 8.90 6.61
C SER A 202 26.44 8.08 6.13
N GLU A 203 26.32 7.81 4.84
CA GLU A 203 25.18 7.06 4.25
C GLU A 203 25.51 5.57 4.15
N TRP A 204 26.69 5.15 4.60
CA TRP A 204 27.09 3.72 4.52
C TRP A 204 26.06 2.81 5.22
N HIS A 205 25.46 3.26 6.34
CA HIS A 205 24.57 2.42 7.19
C HIS A 205 23.12 2.92 7.07
N THR A 206 22.75 3.43 5.90
CA THR A 206 21.36 3.80 5.56
C THR A 206 20.99 3.19 4.21
N GLY A 207 19.70 3.17 3.89
CA GLY A 207 19.17 2.88 2.54
C GLY A 207 19.96 3.58 1.45
N LYS A 208 20.48 4.79 1.71
CA LYS A 208 21.11 5.66 0.67
C LYS A 208 22.47 5.11 0.23
N VAL A 209 23.00 4.05 0.84
CA VAL A 209 24.23 3.41 0.31
C VAL A 209 24.02 3.04 -1.17
N LEU A 210 22.80 2.67 -1.57
CA LEU A 210 22.45 2.26 -2.95
C LEU A 210 22.68 3.45 -3.90
N CYS A 211 22.48 4.68 -3.40
CA CYS A 211 22.62 5.96 -4.16
C CYS A 211 24.06 6.18 -4.63
N LEU A 212 25.04 5.56 -3.95
CA LEU A 212 26.48 5.71 -4.29
C LEU A 212 26.80 5.03 -5.63
N LEU A 213 25.88 4.26 -6.21
CA LEU A 213 26.12 3.47 -7.45
C LEU A 213 25.00 3.75 -8.45
N ASP A 214 25.32 4.46 -9.54
CA ASP A 214 24.39 4.77 -10.65
C ASP A 214 23.53 3.54 -10.96
N PRO A 215 24.13 2.35 -11.15
CA PRO A 215 23.35 1.14 -11.46
C PRO A 215 22.28 0.68 -10.46
N LEU A 216 22.24 1.25 -9.24
CA LEU A 216 21.28 0.86 -8.18
C LEU A 216 20.40 2.05 -7.75
N ASP A 217 20.66 3.27 -8.24
CA ASP A 217 19.88 4.51 -7.97
C ASP A 217 18.37 4.27 -8.17
N ALA A 218 17.98 3.89 -9.40
CA ALA A 218 16.56 3.72 -9.81
C ALA A 218 15.83 2.83 -8.81
N VAL A 219 16.49 1.78 -8.29
CA VAL A 219 15.93 0.86 -7.26
C VAL A 219 15.61 1.66 -5.99
N TYR A 220 16.53 2.48 -5.49
CA TYR A 220 16.28 3.30 -4.28
C TYR A 220 15.14 4.27 -4.55
N ASN A 221 15.19 4.99 -5.69
CA ASN A 221 14.19 6.01 -6.08
C ASN A 221 12.81 5.37 -6.15
N TYR A 222 12.68 4.26 -6.86
CA TYR A 222 11.35 3.68 -7.17
C TYR A 222 10.72 3.09 -5.91
N LEU A 223 11.49 2.35 -5.10
CA LEU A 223 10.96 1.66 -3.89
C LEU A 223 10.57 2.68 -2.82
N SER A 224 11.40 3.71 -2.63
CA SER A 224 11.27 4.69 -1.52
C SER A 224 10.40 5.87 -1.93
N GLN A 225 10.29 6.15 -3.24
CA GLN A 225 9.63 7.36 -3.82
C GLN A 225 10.30 8.62 -3.26
N ARG A 226 11.61 8.55 -3.03
CA ARG A 226 12.45 9.65 -2.48
CA ARG A 226 12.48 9.62 -2.45
C ARG A 226 13.72 9.74 -3.32
N THR A 227 14.21 10.96 -3.57
CA THR A 227 15.38 11.21 -4.46
C THR A 227 16.68 10.89 -3.69
N CYS A 228 17.74 10.56 -4.43
CA CYS A 228 19.08 10.25 -3.88
C CYS A 228 19.78 11.55 -3.44
N ASN A 229 19.13 12.69 -3.63
CA ASN A 229 19.58 14.01 -3.09
C ASN A 229 19.30 14.06 -1.58
N THR A 233 23.85 11.21 -3.08
CA THR A 233 25.06 11.42 -2.22
C THR A 233 26.32 11.46 -3.11
N TRP A 234 27.37 12.19 -2.69
CA TRP A 234 28.67 12.31 -3.40
C TRP A 234 28.48 12.97 -4.78
N GLU A 235 28.22 14.28 -4.85
CA GLU A 235 27.93 14.97 -6.15
C GLU A 235 29.19 14.97 -7.02
N GLY A 236 29.07 14.53 -8.28
CA GLY A 236 30.16 14.51 -9.28
C GLY A 236 30.80 13.14 -9.43
N LYS A 237 30.48 12.17 -8.56
CA LYS A 237 31.00 10.78 -8.61
C LYS A 237 30.76 10.17 -9.99
N VAL A 238 31.69 9.32 -10.46
CA VAL A 238 31.60 8.59 -11.76
C VAL A 238 31.68 7.07 -11.48
N TYR A 239 30.65 6.32 -11.92
CA TYR A 239 30.65 4.83 -11.94
C TYR A 239 31.51 4.32 -13.10
N ARG A 240 32.78 4.06 -12.82
CA ARG A 240 33.78 3.52 -13.78
C ARG A 240 33.71 1.99 -13.75
N VAL A 241 33.25 1.36 -14.84
CA VAL A 241 33.35 -0.12 -15.04
C VAL A 241 34.83 -0.47 -15.14
N LEU A 242 35.33 -1.40 -14.31
CA LEU A 242 36.74 -1.85 -14.32
C LEU A 242 36.87 -3.07 -15.25
N ALA A 243 35.88 -3.97 -15.21
CA ALA A 243 35.88 -5.22 -16.02
C ALA A 243 34.45 -5.76 -16.15
N GLY A 244 34.22 -6.57 -17.19
CA GLY A 244 32.91 -7.15 -17.49
C GLY A 244 31.92 -6.10 -17.96
N THR A 245 30.63 -6.43 -17.85
CA THR A 245 29.49 -5.58 -18.29
C THR A 245 28.37 -5.70 -17.25
N PRO A 246 28.47 -4.97 -16.11
CA PRO A 246 27.44 -4.97 -15.09
C PRO A 246 26.08 -4.53 -15.65
N ALA A 247 24.98 -5.12 -15.17
CA ALA A 247 23.58 -4.81 -15.57
C ALA A 247 22.99 -3.78 -14.60
N SER A 248 22.22 -2.82 -15.14
CA SER A 248 21.36 -1.87 -14.40
C SER A 248 19.89 -2.26 -14.63
N HIS A 249 19.30 -3.04 -13.71
CA HIS A 249 17.92 -3.57 -13.85
C HIS A 249 16.91 -2.50 -13.41
N ASP A 250 15.89 -2.27 -14.24
CA ASP A 250 14.72 -1.43 -13.91
C ASP A 250 13.82 -2.25 -12.97
N THR A 251 12.89 -1.60 -12.26
CA THR A 251 11.88 -2.25 -11.39
C THR A 251 10.55 -1.50 -11.46
N HIS A 252 9.43 -2.23 -11.40
CA HIS A 252 8.06 -1.70 -11.19
C HIS A 252 7.45 -2.35 -9.96
N ILE A 253 8.26 -2.59 -8.92
CA ILE A 253 7.78 -3.12 -7.60
C ILE A 253 6.95 -2.02 -6.93
N VAL A 254 5.77 -2.38 -6.40
CA VAL A 254 4.93 -1.47 -5.59
C VAL A 254 5.80 -0.93 -4.45
N PRO A 255 5.64 0.35 -4.06
CA PRO A 255 6.47 0.94 -3.02
C PRO A 255 6.59 0.01 -1.80
N THR A 256 7.82 -0.30 -1.39
CA THR A 256 8.13 -1.23 -0.26
C THR A 256 9.38 -0.73 0.47
N ALA A 257 9.47 -1.07 1.75
CA ALA A 257 10.54 -0.65 2.67
C ALA A 257 11.84 -1.36 2.28
N ILE A 258 12.91 -0.60 2.09
CA ILE A 258 14.27 -1.19 1.89
C ILE A 258 14.85 -1.48 3.28
N SER A 259 15.17 -2.76 3.55
CA SER A 259 15.73 -3.15 4.86
C SER A 259 17.25 -3.27 4.73
N HIS A 260 17.97 -2.73 5.71
CA HIS A 260 19.45 -2.71 5.77
C HIS A 260 19.86 -3.28 7.13
N ARG A 261 20.32 -4.53 7.13
CA ARG A 261 20.74 -5.24 8.37
C ARG A 261 22.20 -4.89 8.66
N LEU A 262 22.45 -4.37 9.86
CA LEU A 262 23.77 -3.91 10.33
C LEU A 262 24.26 -4.86 11.44
N HIS A 263 25.29 -5.63 11.12
CA HIS A 263 26.06 -6.46 12.07
C HIS A 263 27.20 -5.60 12.69
N PHE A 264 27.37 -5.71 14.01
CA PHE A 264 28.45 -5.04 14.79
C PHE A 264 29.34 -6.12 15.42
N ALA A 265 30.61 -6.17 15.03
CA ALA A 265 31.62 -7.11 15.60
C ALA A 265 31.72 -6.90 17.11
N LYS A 266 31.53 -5.67 17.58
CA LYS A 266 31.68 -5.29 19.00
C LYS A 266 30.46 -5.78 19.79
N GLY A 267 29.32 -5.98 19.11
CA GLY A 267 28.06 -6.47 19.68
C GLY A 267 27.33 -5.44 20.53
N ASP A 268 27.52 -4.13 20.26
CA ASP A 268 26.95 -3.00 21.07
C ASP A 268 25.83 -2.30 20.29
N GLY A 269 25.07 -3.07 19.51
CA GLY A 269 23.91 -2.63 18.70
C GLY A 269 23.01 -1.61 19.40
N LEU A 270 22.57 -1.87 20.63
CA LEU A 270 21.59 -0.96 21.29
C LEU A 270 22.29 0.35 21.69
N ALA A 271 23.47 0.25 22.28
CA ALA A 271 24.29 1.44 22.64
C ALA A 271 24.55 2.29 21.37
N ALA A 272 24.91 1.65 20.27
CA ALA A 272 25.27 2.31 18.99
C ALA A 272 24.06 3.03 18.39
N LEU A 273 22.91 2.36 18.29
CA LEU A 273 21.67 2.92 17.67
C LEU A 273 21.20 4.14 18.48
N THR A 274 21.06 3.98 19.81
CA THR A 274 20.67 5.06 20.75
C THR A 274 21.65 6.23 20.61
N THR A 275 22.96 5.96 20.56
CA THR A 275 23.96 7.05 20.44
C THR A 275 23.69 7.79 19.13
N HIS A 276 23.46 7.05 18.06
CA HIS A 276 23.19 7.60 16.71
C HIS A 276 21.94 8.48 16.77
N GLN A 277 20.89 8.04 17.46
CA GLN A 277 19.57 8.70 17.45
C GLN A 277 19.59 9.93 18.35
N VAL A 278 20.21 9.81 19.53
CA VAL A 278 20.35 10.93 20.50
C VAL A 278 21.24 12.03 19.90
N CYS A 279 22.41 11.67 19.35
CA CYS A 279 23.49 12.65 19.01
C CYS A 279 23.43 13.05 17.52
N ALA A 280 22.56 12.43 16.73
CA ALA A 280 22.54 12.58 15.24
C ALA A 280 23.97 12.42 14.69
N ILE A 281 24.67 11.36 15.11
CA ILE A 281 25.96 10.87 14.57
C ILE A 281 25.65 9.71 13.65
N PRO A 282 26.15 9.70 12.39
CA PRO A 282 25.87 8.59 11.49
C PRO A 282 26.38 7.28 12.11
N LEU A 283 25.57 6.25 12.00
CA LEU A 283 25.76 4.95 12.68
C LEU A 283 27.06 4.30 12.17
N GLU A 284 27.54 4.60 10.95
CA GLU A 284 28.83 4.08 10.47
C GLU A 284 30.01 4.62 11.31
N SER A 285 29.95 5.84 11.84
CA SER A 285 31.01 6.43 12.70
C SER A 285 31.04 5.73 14.08
N LEU A 286 30.01 4.95 14.42
CA LEU A 286 29.91 4.20 15.70
C LEU A 286 30.09 2.69 15.44
N ALA A 287 30.36 2.31 14.19
CA ALA A 287 30.68 0.94 13.75
C ALA A 287 32.16 0.67 14.04
N ARG A 288 32.63 -0.53 13.69
CA ARG A 288 34.06 -0.92 13.78
C ARG A 288 34.89 0.01 12.89
N SER A 289 36.03 0.47 13.40
CA SER A 289 36.99 1.35 12.67
C SER A 289 38.19 0.51 12.22
N ARG A 290 38.68 0.73 10.99
CA ARG A 290 39.94 0.13 10.49
C ARG A 290 41.14 0.67 11.27
N GLN A 291 41.26 2.01 11.34
CA GLN A 291 42.30 2.73 12.12
C GLN A 291 41.68 3.22 13.42
N PRO A 292 41.69 2.43 14.52
CA PRO A 292 41.07 2.86 15.78
C PRO A 292 41.59 4.25 16.18
N ARG A 293 40.68 5.13 16.59
CA ARG A 293 40.89 6.61 16.71
C ARG A 293 40.39 7.13 18.07
N GLY A 294 39.83 6.26 18.92
CA GLY A 294 39.19 6.65 20.20
C GLY A 294 37.97 7.53 19.99
N TRP A 295 37.52 8.18 21.06
CA TRP A 295 36.26 8.97 21.14
C TRP A 295 36.53 10.47 20.99
N GLU A 296 37.75 10.85 20.61
CA GLU A 296 38.21 12.27 20.60
C GLU A 296 37.27 13.09 19.70
N GLU A 297 36.93 12.57 18.53
CA GLU A 297 36.08 13.27 17.51
C GLU A 297 34.62 13.35 18.00
N LEU A 298 34.20 12.46 18.90
CA LEU A 298 32.79 12.31 19.35
C LEU A 298 32.69 12.33 20.88
N SER A 299 33.46 13.20 21.54
CA SER A 299 33.65 13.17 23.02
C SER A 299 32.50 13.88 23.74
N GLN A 300 31.75 14.78 23.07
CA GLN A 300 30.81 15.70 23.76
C GLN A 300 29.41 15.09 23.87
N CYS A 301 28.91 14.36 22.86
CA CYS A 301 27.60 13.66 22.90
C CYS A 301 27.83 12.14 22.77
N GLY A 302 28.54 11.71 21.73
CA GLY A 302 28.91 10.32 21.44
C GLY A 302 29.24 9.50 22.68
N TYR A 303 30.40 9.75 23.30
CA TYR A 303 30.92 8.93 24.42
C TYR A 303 29.94 8.92 25.59
N PRO A 304 29.50 10.09 26.12
CA PRO A 304 28.60 10.12 27.27
C PRO A 304 27.30 9.31 27.08
N VAL A 305 26.68 9.42 25.90
CA VAL A 305 25.42 8.70 25.59
C VAL A 305 25.70 7.20 25.51
N HIS A 306 26.77 6.81 24.82
CA HIS A 306 27.15 5.40 24.61
C HIS A 306 27.50 4.78 25.97
N ASN A 307 28.17 5.56 26.81
CA ASN A 307 28.59 5.10 28.16
C ASN A 307 27.37 4.90 29.07
N LEU A 308 26.42 5.83 29.10
CA LEU A 308 25.17 5.72 29.90
C LEU A 308 24.43 4.41 29.55
N VAL A 309 24.26 4.10 28.26
CA VAL A 309 23.47 2.91 27.81
C VAL A 309 24.27 1.64 28.13
N THR A 310 25.56 1.64 27.83
CA THR A 310 26.46 0.50 28.16
C THR A 310 26.38 0.22 29.67
N LEU A 311 26.52 1.25 30.50
CA LEU A 311 26.56 1.13 31.99
C LEU A 311 25.22 0.59 32.50
N TYR A 312 24.09 1.17 32.06
CA TYR A 312 22.74 0.67 32.45
C TYR A 312 22.65 -0.83 32.18
N LEU A 313 23.07 -1.28 31.01
CA LEU A 313 22.97 -2.70 30.57
C LEU A 313 23.85 -3.62 31.44
N LEU A 314 25.02 -3.14 31.87
CA LEU A 314 25.97 -3.91 32.71
C LEU A 314 25.39 -4.13 34.11
N THR A 315 24.51 -3.27 34.60
CA THR A 315 23.86 -3.46 35.93
C THR A 315 22.86 -4.61 35.85
N ARG A 316 22.36 -4.92 34.65
CA ARG A 316 21.34 -5.96 34.39
C ARG A 316 20.01 -5.59 35.07
N LEU A 317 19.84 -4.34 35.52
CA LEU A 317 18.53 -3.83 35.99
C LEU A 317 17.54 -3.87 34.84
N PRO A 318 16.26 -4.23 35.09
CA PRO A 318 15.22 -4.05 34.07
C PRO A 318 15.06 -2.57 33.70
N TRP A 319 14.72 -2.31 32.44
CA TRP A 319 14.43 -0.95 31.91
C TRP A 319 13.23 -0.34 32.63
N SER A 320 12.32 -1.19 33.13
CA SER A 320 11.12 -0.75 33.91
C SER A 320 11.53 0.09 35.13
N GLN A 321 12.72 -0.13 35.67
CA GLN A 321 13.21 0.54 36.91
C GLN A 321 13.96 1.85 36.60
N LEU A 322 13.96 2.30 35.35
CA LEU A 322 14.71 3.49 34.89
C LEU A 322 14.38 4.72 35.74
N ASP A 323 13.11 4.97 36.04
CA ASP A 323 12.66 6.18 36.78
C ASP A 323 13.22 6.16 38.21
N THR A 324 13.24 5.01 38.88
CA THR A 324 13.79 4.86 40.25
C THR A 324 15.29 5.10 40.20
N VAL A 325 15.97 4.51 39.20
CA VAL A 325 17.45 4.59 39.06
C VAL A 325 17.86 6.06 38.93
N ILE A 326 17.13 6.83 38.12
CA ILE A 326 17.49 8.26 37.86
C ILE A 326 17.19 9.07 39.13
N THR A 327 15.99 8.92 39.70
CA THR A 327 15.53 9.62 40.94
C THR A 327 16.55 9.45 42.07
N GLN A 328 17.03 8.22 42.28
CA GLN A 328 17.99 7.88 43.37
C GLN A 328 19.37 8.44 43.06
N ALA A 329 19.78 8.49 41.78
CA ALA A 329 21.10 9.02 41.36
C ALA A 329 21.14 10.54 41.57
N LEU A 330 20.04 11.23 41.29
CA LEU A 330 19.96 12.72 41.39
C LEU A 330 19.81 13.14 42.86
N ALA A 331 18.99 12.43 43.63
CA ALA A 331 18.83 12.64 45.09
C ALA A 331 20.21 12.49 45.77
N ASN A 332 20.97 11.46 45.39
CA ASN A 332 22.34 11.17 45.91
C ASN A 332 22.28 11.03 47.44
N THR A 333 21.16 10.56 48.00
CA THR A 333 20.95 10.41 49.47
C THR A 333 21.43 9.03 49.91
N THR A 334 21.20 7.99 49.08
CA THR A 334 21.60 6.58 49.35
C THR A 334 23.13 6.46 49.22
N PRO A 335 23.76 5.61 50.06
CA PRO A 335 25.20 5.37 49.96
C PRO A 335 25.56 4.45 48.78
N GLU A 336 26.35 4.98 47.83
CA GLU A 336 26.74 4.28 46.58
C GLU A 336 28.20 3.83 46.68
N ASP A 337 28.50 2.63 46.17
CA ASP A 337 29.88 2.14 45.91
C ASP A 337 30.27 2.59 44.49
N GLY A 338 31.04 3.69 44.38
CA GLY A 338 31.49 4.30 43.11
C GLY A 338 32.29 3.35 42.24
N SER A 339 32.79 2.24 42.79
CA SER A 339 33.56 1.20 42.08
C SER A 339 32.64 0.24 41.29
N THR A 340 31.36 0.13 41.68
CA THR A 340 30.43 -0.86 41.09
C THR A 340 29.81 -0.30 39.80
N PRO A 341 29.35 -1.18 38.88
CA PRO A 341 28.60 -0.72 37.71
C PRO A 341 27.40 0.16 38.10
N ARG A 342 26.69 -0.21 39.17
CA ARG A 342 25.53 0.54 39.73
CA ARG A 342 25.52 0.55 39.70
C ARG A 342 25.97 1.95 40.14
N GLY A 343 27.13 2.06 40.81
CA GLY A 343 27.69 3.36 41.24
C GLY A 343 28.19 4.19 40.07
N GLN A 344 28.82 3.56 39.07
CA GLN A 344 29.32 4.24 37.84
C GLN A 344 28.15 4.82 37.04
N LEU A 345 27.06 4.05 36.88
CA LEU A 345 25.82 4.51 36.19
C LEU A 345 25.29 5.76 36.91
N ALA A 346 25.22 5.73 38.24
CA ALA A 346 24.68 6.84 39.08
C ALA A 346 25.53 8.11 38.91
N GLN A 347 26.87 7.97 38.86
CA GLN A 347 27.81 9.09 38.59
C GLN A 347 27.55 9.60 37.17
N ALA A 348 27.48 8.70 36.19
CA ALA A 348 27.23 9.07 34.77
C ALA A 348 25.94 9.89 34.66
N ILE A 349 24.88 9.56 35.43
CA ILE A 349 23.56 10.27 35.38
C ILE A 349 23.69 11.68 35.98
N ARG A 350 24.35 11.83 37.13
CA ARG A 350 24.64 13.13 37.78
C ARG A 350 25.47 14.02 36.83
N GLU A 351 26.41 13.41 36.09
CA GLU A 351 27.39 14.10 35.20
C GLU A 351 26.67 14.78 34.03
N ASN A 352 25.51 14.27 33.62
CA ASN A 352 24.63 14.94 32.60
C ASN A 352 23.20 14.40 32.71
N PRO A 353 22.37 14.94 33.63
CA PRO A 353 20.99 14.47 33.80
C PRO A 353 20.13 14.55 32.53
N ALA A 354 20.16 15.68 31.82
CA ALA A 354 19.39 15.92 30.57
C ALA A 354 19.51 14.70 29.64
N GLN A 355 20.73 14.31 29.27
CA GLN A 355 20.96 13.30 28.20
C GLN A 355 20.82 11.89 28.77
N ALA A 356 21.04 11.69 30.09
CA ALA A 356 20.65 10.46 30.82
C ALA A 356 19.15 10.20 30.62
N ARG A 357 18.28 11.20 30.83
CA ARG A 357 16.82 11.03 30.63
C ARG A 357 16.54 10.72 29.14
N LEU A 358 17.03 11.57 28.24
CA LEU A 358 16.82 11.41 26.78
C LEU A 358 17.32 10.03 26.35
N ALA A 359 18.57 9.68 26.67
CA ALA A 359 19.25 8.48 26.12
C ALA A 359 18.66 7.20 26.71
N LEU A 360 18.51 7.13 28.04
CA LEU A 360 18.04 5.89 28.70
C LEU A 360 16.57 5.64 28.36
N SER A 361 15.75 6.68 28.27
CA SER A 361 14.30 6.58 27.93
C SER A 361 14.15 6.10 26.48
N MET A 362 15.08 6.48 25.60
CA MET A 362 15.04 6.10 24.15
C MET A 362 15.49 4.63 24.02
N ALA A 363 16.54 4.24 24.74
CA ALA A 363 17.03 2.84 24.80
C ALA A 363 15.94 1.92 25.38
N ALA A 364 15.24 2.36 26.42
CA ALA A 364 14.14 1.61 27.07
C ALA A 364 13.01 1.34 26.07
N ALA A 365 12.50 2.37 25.40
CA ALA A 365 11.47 2.24 24.35
C ALA A 365 11.94 1.28 23.25
N GLN A 366 13.20 1.33 22.85
CA GLN A 366 13.71 0.45 21.76
C GLN A 366 13.75 -1.01 22.24
N SER A 367 14.27 -1.24 23.44
CA SER A 367 14.25 -2.57 24.12
C SER A 367 12.83 -3.10 24.26
N ASP A 368 11.85 -2.26 24.64
CA ASP A 368 10.42 -2.64 24.75
C ASP A 368 9.89 -3.08 23.37
N ALA A 369 10.01 -2.24 22.34
CA ALA A 369 9.47 -2.56 20.99
C ALA A 369 10.08 -3.88 20.52
N PHE A 370 11.38 -4.05 20.75
CA PHE A 370 12.15 -5.27 20.37
C PHE A 370 11.54 -6.52 21.02
N SER A 371 11.12 -6.43 22.28
CA SER A 371 10.63 -7.60 23.07
C SER A 371 9.27 -8.08 22.55
N HIS A 372 8.50 -7.21 21.87
CA HIS A 372 7.15 -7.52 21.31
C HIS A 372 7.23 -8.11 19.90
N GLN A 373 8.41 -8.13 19.28
CA GLN A 373 8.58 -8.53 17.86
C GLN A 373 8.48 -10.05 17.69
N GLN A 374 8.96 -10.81 18.68
CA GLN A 374 8.90 -12.29 18.74
C GLN A 374 9.24 -12.74 20.18
N ALA A 375 9.02 -14.02 20.49
CA ALA A 375 9.33 -14.65 21.79
C ALA A 375 10.85 -14.74 21.97
N GLY A 376 11.34 -14.62 23.21
CA GLY A 376 12.77 -14.73 23.55
C GLY A 376 13.59 -13.48 23.22
N ASN A 377 12.94 -12.37 22.86
CA ASN A 377 13.60 -11.05 22.60
C ASN A 377 13.77 -10.31 23.94
N SER A 378 14.62 -10.83 24.80
CA SER A 378 14.91 -10.33 26.17
C SER A 378 15.78 -9.07 26.09
N GLN A 379 15.94 -8.42 27.23
CA GLN A 379 16.83 -7.26 27.45
C GLN A 379 18.26 -7.63 27.03
N GLU A 380 18.74 -8.81 27.41
CA GLU A 380 20.08 -9.36 27.06
C GLU A 380 20.24 -9.39 25.53
N GLN A 381 19.23 -9.89 24.81
CA GLN A 381 19.30 -10.08 23.34
C GLN A 381 19.22 -8.73 22.61
N ALA A 382 18.45 -7.76 23.13
CA ALA A 382 18.32 -6.41 22.52
C ALA A 382 19.69 -5.72 22.55
N ALA A 383 20.43 -5.87 23.64
CA ALA A 383 21.72 -5.20 23.91
C ALA A 383 22.72 -5.53 22.80
N SER A 384 22.78 -6.80 22.36
CA SER A 384 23.74 -7.28 21.33
C SER A 384 23.04 -7.68 20.03
N ALA A 385 21.81 -7.22 19.76
CA ALA A 385 21.09 -7.53 18.51
C ALA A 385 21.71 -6.72 17.34
N ASP A 386 21.56 -7.21 16.12
CA ASP A 386 21.82 -6.44 14.89
C ASP A 386 20.80 -5.30 14.84
N VAL A 387 21.07 -4.28 14.01
CA VAL A 387 20.15 -3.15 13.74
C VAL A 387 19.60 -3.36 12.33
N VAL A 388 18.28 -3.40 12.17
CA VAL A 388 17.67 -3.29 10.82
C VAL A 388 17.17 -1.85 10.66
N ASN A 389 17.77 -1.17 9.68
CA ASN A 389 17.39 0.19 9.23
C ASN A 389 16.37 0.02 8.09
N LEU A 390 15.26 0.74 8.14
CA LEU A 390 14.16 0.62 7.15
C LEU A 390 13.96 1.97 6.45
N THR A 391 14.16 2.01 5.13
CA THR A 391 13.85 3.19 4.29
C THR A 391 12.36 3.15 4.01
N CYS A 392 11.60 3.99 4.71
CA CYS A 392 10.12 3.99 4.67
C CYS A 392 9.70 4.72 3.40
N PRO A 393 8.83 4.11 2.57
CA PRO A 393 8.35 4.75 1.36
C PRO A 393 7.62 6.07 1.66
N ALA A 394 7.90 7.11 0.89
CA ALA A 394 7.19 8.41 0.92
C ALA A 394 5.72 8.19 0.53
N ALA A 395 4.82 9.08 0.96
CA ALA A 395 3.41 9.10 0.52
C ALA A 395 2.74 7.77 0.92
N ASP A 396 3.09 7.27 2.10
CA ASP A 396 2.55 6.03 2.71
C ASP A 396 2.80 6.11 4.22
N LEU A 397 1.73 6.10 5.03
CA LEU A 397 1.79 6.27 6.50
C LEU A 397 2.12 4.93 7.18
N ASN A 398 2.16 3.84 6.41
CA ASN A 398 2.49 2.48 6.91
C ASN A 398 3.87 2.10 6.40
N CYS A 399 4.73 1.61 7.28
CA CYS A 399 6.11 1.16 6.98
C CYS A 399 6.32 -0.22 7.58
N LEU A 400 5.86 -1.27 6.89
CA LEU A 400 5.91 -2.68 7.37
C LEU A 400 7.36 -3.15 7.25
N ALA A 401 7.94 -3.62 8.36
CA ALA A 401 9.23 -4.33 8.38
C ALA A 401 9.03 -5.75 7.86
N PRO A 402 9.94 -6.31 7.04
CA PRO A 402 9.86 -7.73 6.67
C PRO A 402 10.06 -8.67 7.87
N ALA A 403 9.32 -9.78 7.90
CA ALA A 403 9.29 -10.80 8.99
C ALA A 403 10.71 -11.21 9.43
N ASP A 404 11.67 -11.29 8.49
CA ASP A 404 13.06 -11.75 8.76
C ASP A 404 13.84 -10.72 9.60
N SER A 405 13.20 -9.65 10.08
CA SER A 405 13.85 -8.60 10.91
C SER A 405 13.41 -8.70 12.38
N ALA A 406 12.59 -9.69 12.73
CA ALA A 406 12.00 -9.85 14.09
C ALA A 406 13.10 -9.98 15.17
N ASP A 407 14.26 -10.50 14.79
CA ASP A 407 15.39 -10.77 15.71
C ASP A 407 16.30 -9.53 15.83
N ALA A 408 15.96 -8.39 15.22
CA ALA A 408 16.84 -7.20 15.14
C ALA A 408 16.18 -5.97 15.76
N LEU A 409 16.99 -5.00 16.20
CA LEU A 409 16.53 -3.64 16.60
C LEU A 409 16.11 -2.95 15.31
N GLN A 410 14.97 -2.28 15.30
CA GLN A 410 14.39 -1.71 14.07
C GLN A 410 14.38 -0.17 14.20
N GLU A 411 14.88 0.48 13.16
CA GLU A 411 14.91 1.95 13.03
C GLU A 411 14.22 2.27 11.71
N ARG A 412 13.19 3.11 11.78
CA ARG A 412 12.43 3.61 10.62
C ARG A 412 13.04 4.98 10.27
N ASP A 413 13.70 5.07 9.11
CA ASP A 413 14.25 6.34 8.56
C ASP A 413 13.13 7.08 7.84
N TYR A 414 12.75 8.25 8.35
CA TYR A 414 11.85 9.23 7.70
C TYR A 414 12.58 10.56 7.54
N PRO A 415 12.20 11.41 6.58
CA PRO A 415 12.75 12.77 6.47
C PRO A 415 12.65 13.49 7.82
N ASN A 416 13.73 14.18 8.22
CA ASN A 416 13.80 14.94 9.49
C ASN A 416 13.87 16.44 9.19
N GLY A 417 13.72 17.25 10.24
CA GLY A 417 13.82 18.72 10.19
C GLY A 417 15.06 19.22 9.46
N ALA A 418 16.23 18.59 9.67
CA ALA A 418 17.53 19.05 9.13
C ALA A 418 17.45 19.24 7.61
N SER A 419 16.71 18.37 6.91
CA SER A 419 16.59 18.35 5.43
C SER A 419 15.63 19.44 4.94
N PHE A 420 14.98 20.19 5.85
CA PHE A 420 13.99 21.24 5.50
C PHE A 420 14.47 22.65 5.92
N LEU A 421 15.67 22.76 6.49
CA LEU A 421 16.18 24.04 7.07
C LEU A 421 16.56 25.02 5.95
N GLY A 422 16.65 24.53 4.71
CA GLY A 422 17.03 25.35 3.54
C GLY A 422 18.50 25.72 3.60
N ASP A 423 18.92 26.72 2.82
CA ASP A 423 20.33 27.17 2.71
C ASP A 423 20.61 28.23 3.78
N GLY A 424 21.87 28.29 4.22
CA GLY A 424 22.35 29.16 5.31
C GLY A 424 23.49 28.51 6.06
N ASP A 425 24.00 29.16 7.10
CA ASP A 425 25.05 28.58 7.98
C ASP A 425 24.39 27.51 8.87
N GLU A 426 25.20 26.79 9.64
CA GLU A 426 24.74 25.67 10.49
C GLU A 426 23.78 26.20 11.55
N VAL A 427 22.53 25.72 11.52
CA VAL A 427 21.58 25.92 12.66
C VAL A 427 22.10 25.11 13.84
N SER A 428 22.08 25.69 15.03
CA SER A 428 22.43 25.01 16.30
C SER A 428 21.60 25.64 17.44
N PHE A 429 21.52 24.94 18.57
CA PHE A 429 20.74 25.33 19.75
C PHE A 429 21.68 25.75 20.88
N SER A 430 21.33 26.82 21.60
CA SER A 430 22.04 27.27 22.83
C SER A 430 21.07 28.04 23.72
N THR A 431 21.47 28.23 24.97
CA THR A 431 20.72 29.00 26.01
C THR A 431 20.59 30.45 25.55
N ALA A 432 21.51 30.96 24.74
CA ALA A 432 21.53 32.34 24.22
C ALA A 432 20.66 32.47 22.96
N GLY A 433 20.02 31.39 22.52
CA GLY A 433 19.08 31.40 21.38
C GLY A 433 19.58 30.55 20.24
N THR A 434 18.68 30.26 19.30
CA THR A 434 18.93 29.42 18.10
C THR A 434 19.79 30.22 17.12
N ARG A 435 20.81 29.58 16.55
CA ARG A 435 21.83 30.26 15.71
C ARG A 435 21.44 30.11 14.24
N ASN A 436 21.43 31.21 13.51
CA ASN A 436 21.26 31.25 12.03
C ASN A 436 19.83 30.82 11.66
N TRP A 437 18.86 31.20 12.48
CA TRP A 437 17.42 30.88 12.28
C TRP A 437 16.59 32.16 12.32
N SER A 438 16.55 32.88 11.20
CA SER A 438 15.83 34.17 11.04
C SER A 438 14.38 33.89 10.63
N VAL A 439 13.52 34.89 10.84
CA VAL A 439 12.08 34.87 10.44
C VAL A 439 12.00 34.59 8.94
N THR A 440 12.99 35.05 8.16
CA THR A 440 13.07 34.84 6.70
C THR A 440 13.31 33.35 6.40
N ARG A 441 14.24 32.73 7.12
CA ARG A 441 14.62 31.31 6.88
C ARG A 441 13.47 30.37 7.28
N LEU A 442 12.76 30.66 8.38
CA LEU A 442 11.59 29.86 8.86
C LEU A 442 10.48 29.93 7.81
N GLU A 443 10.19 31.12 7.27
CA GLU A 443 9.13 31.33 6.25
C GLU A 443 9.44 30.45 5.03
N GLN A 444 10.70 30.44 4.59
CA GLN A 444 11.17 29.65 3.41
C GLN A 444 10.97 28.16 3.71
N ALA A 445 11.40 27.71 4.88
CA ALA A 445 11.27 26.31 5.36
C ALA A 445 9.79 25.91 5.40
N HIS A 446 8.92 26.79 5.89
CA HIS A 446 7.46 26.56 6.05
C HIS A 446 6.82 26.35 4.67
N ARG A 447 7.09 27.25 3.71
CA ARG A 447 6.58 27.16 2.31
C ARG A 447 7.02 25.83 1.70
N GLN A 448 8.27 25.44 1.90
CA GLN A 448 8.85 24.17 1.36
C GLN A 448 8.07 22.98 1.96
N LEU A 449 7.78 23.00 3.27
CA LEU A 449 7.02 21.94 3.98
C LEU A 449 5.61 21.83 3.40
N LEU A 450 4.91 22.95 3.23
CA LEU A 450 3.55 22.98 2.63
C LEU A 450 3.59 22.40 1.22
N ALA A 451 4.61 22.73 0.41
CA ALA A 451 4.76 22.28 -0.99
C ALA A 451 5.07 20.78 -1.05
N ARG A 452 5.71 20.22 -0.01
CA ARG A 452 6.07 18.78 0.05
C ARG A 452 5.01 17.98 0.83
N GLY A 453 3.85 18.57 1.11
CA GLY A 453 2.66 17.83 1.59
C GLY A 453 2.59 17.70 3.09
N TYR A 454 3.14 18.65 3.84
CA TYR A 454 3.08 18.66 5.33
C TYR A 454 2.14 19.79 5.78
N LEU A 455 1.58 19.65 6.98
CA LEU A 455 0.85 20.76 7.66
C LEU A 455 1.26 20.87 9.13
N PHE A 456 1.22 22.10 9.64
CA PHE A 456 1.59 22.51 11.02
C PHE A 456 0.51 22.04 12.00
N VAL A 457 0.91 21.42 13.12
CA VAL A 457 -0.01 20.91 14.18
C VAL A 457 0.36 21.52 15.53
N GLY A 458 1.45 22.30 15.61
CA GLY A 458 1.73 23.12 16.80
C GLY A 458 3.19 23.08 17.24
N TYR A 459 3.40 23.42 18.51
CA TYR A 459 4.71 23.71 19.13
C TYR A 459 5.07 22.59 20.10
N HIS A 460 6.34 22.22 20.10
CA HIS A 460 6.96 21.32 21.10
C HIS A 460 8.07 22.08 21.81
N GLY A 461 7.97 22.22 23.12
CA GLY A 461 9.02 22.77 23.99
C GLY A 461 9.82 21.64 24.59
N THR A 462 11.15 21.74 24.58
CA THR A 462 12.04 20.72 25.18
C THR A 462 13.41 21.32 25.49
N PHE A 463 14.27 20.51 26.13
CA PHE A 463 15.66 20.87 26.54
C PHE A 463 16.54 20.76 25.29
N LEU A 464 17.75 21.35 25.36
CA LEU A 464 18.62 21.60 24.18
C LEU A 464 19.00 20.28 23.49
N GLU A 465 19.36 19.24 24.24
CA GLU A 465 19.85 17.97 23.65
C GLU A 465 18.70 17.25 22.92
N ALA A 466 17.48 17.30 23.45
CA ALA A 466 16.27 16.70 22.83
C ALA A 466 16.00 17.41 21.50
N ALA A 467 16.10 18.75 21.48
CA ALA A 467 15.87 19.57 20.28
C ALA A 467 16.84 19.12 19.19
N HIS A 468 18.11 18.90 19.56
CA HIS A 468 19.16 18.52 18.58
C HIS A 468 18.79 17.16 17.97
N SER A 469 18.43 16.19 18.80
CA SER A 469 18.03 14.82 18.38
C SER A 469 16.84 14.91 17.41
N ILE A 470 15.82 15.67 17.80
CA ILE A 470 14.50 15.71 17.10
C ILE A 470 14.69 16.34 15.72
N VAL A 471 15.50 17.40 15.63
CA VAL A 471 15.66 18.18 14.36
C VAL A 471 16.65 17.47 13.44
N PHE A 472 17.83 17.13 13.95
CA PHE A 472 18.99 16.69 13.14
C PHE A 472 18.98 15.17 12.93
N GLU A 473 18.13 14.44 13.66
CA GLU A 473 18.00 12.98 13.46
C GLU A 473 16.52 12.63 13.22
N GLY A 474 15.59 13.14 14.02
CA GLY A 474 14.15 12.86 13.86
C GLY A 474 13.50 12.49 15.18
N VAL A 475 12.17 12.51 15.20
CA VAL A 475 11.37 12.14 16.41
C VAL A 475 11.55 10.64 16.64
N HIS A 476 11.92 10.25 17.85
CA HIS A 476 12.03 8.83 18.27
C HIS A 476 11.27 8.59 19.58
N GLU A 477 10.65 7.41 19.68
CA GLU A 477 9.80 7.05 20.84
C GLU A 477 10.70 7.03 22.07
N ARG A 478 10.22 7.59 23.17
CA ARG A 478 10.84 7.51 24.51
C ARG A 478 9.87 6.81 25.47
N ASP A 479 10.40 6.01 26.38
CA ASP A 479 9.64 5.27 27.41
C ASP A 479 8.75 6.28 28.17
N GLN A 480 7.44 6.01 28.18
CA GLN A 480 6.41 6.82 28.88
C GLN A 480 5.46 5.88 29.64
N SER A 481 5.96 4.74 30.13
CA SER A 481 5.13 3.62 30.67
C SER A 481 4.26 4.10 31.85
N SER A 482 4.74 5.05 32.66
CA SER A 482 4.03 5.62 33.85
C SER A 482 2.72 6.32 33.46
N ILE A 483 2.62 6.91 32.24
CA ILE A 483 1.42 7.67 31.79
C ILE A 483 0.53 6.83 30.85
N ALA A 484 0.74 5.52 30.73
CA ALA A 484 -0.14 4.66 29.89
C ALA A 484 -1.59 4.84 30.32
N PRO A 485 -2.58 4.90 29.39
CA PRO A 485 -2.34 4.68 27.95
C PRO A 485 -2.16 5.96 27.09
N TRP A 486 -1.53 7.00 27.64
CA TRP A 486 -1.42 8.33 26.97
C TRP A 486 0.00 8.58 26.42
N GLN A 487 0.70 7.52 26.01
CA GLN A 487 2.04 7.59 25.36
C GLN A 487 1.90 8.37 24.04
N GLY A 488 2.84 9.27 23.76
CA GLY A 488 2.93 9.97 22.47
C GLY A 488 3.82 11.20 22.54
N PHE A 489 3.90 11.93 21.42
CA PHE A 489 4.67 13.19 21.28
C PHE A 489 3.72 14.36 21.57
N TYR A 490 4.00 15.13 22.63
CA TYR A 490 3.10 16.19 23.15
C TYR A 490 3.42 17.50 22.43
N VAL A 491 2.37 18.18 22.00
CA VAL A 491 2.40 19.38 21.13
C VAL A 491 1.32 20.34 21.65
N ALA A 492 1.51 21.65 21.47
CA ALA A 492 0.52 22.69 21.86
C ALA A 492 0.31 23.63 20.68
N GLY A 493 -0.93 23.87 20.28
CA GLY A 493 -1.28 24.92 19.30
C GLY A 493 -0.81 26.29 19.79
N ASP A 494 -0.99 26.58 21.08
CA ASP A 494 -0.58 27.86 21.72
C ASP A 494 0.87 27.72 22.16
N PRO A 495 1.80 28.51 21.61
CA PRO A 495 3.22 28.41 21.99
C PRO A 495 3.46 28.71 23.48
N ALA A 496 2.57 29.45 24.14
CA ALA A 496 2.68 29.80 25.58
C ALA A 496 2.64 28.54 26.44
N LEU A 497 1.84 27.54 26.05
CA LEU A 497 1.73 26.22 26.74
C LEU A 497 3.01 25.41 26.52
N ALA A 498 3.47 25.27 25.27
CA ALA A 498 4.73 24.56 24.92
C ALA A 498 5.91 25.16 25.69
N TYR A 499 5.89 26.48 25.89
CA TYR A 499 6.99 27.28 26.47
C TYR A 499 7.29 26.78 27.89
N GLY A 500 6.26 26.48 28.67
CA GLY A 500 6.39 25.97 30.05
C GLY A 500 7.27 24.72 30.13
N TYR A 501 7.38 23.96 29.04
CA TYR A 501 8.14 22.68 28.95
C TYR A 501 9.48 22.89 28.23
N ALA A 502 9.77 24.08 27.70
CA ALA A 502 11.01 24.36 26.95
C ALA A 502 12.14 24.73 27.92
N GLN A 503 12.57 23.79 28.77
CA GLN A 503 13.63 23.98 29.80
C GLN A 503 14.04 22.62 30.39
N ASP A 504 15.20 22.54 31.02
CA ASP A 504 15.64 21.33 31.78
C ASP A 504 14.62 21.06 32.88
N GLN A 505 14.44 19.78 33.22
CA GLN A 505 13.49 19.29 34.26
C GLN A 505 14.13 19.42 35.65
N GLU A 506 15.45 19.61 35.72
CA GLU A 506 16.23 19.58 36.99
C GLU A 506 17.63 20.11 36.73
N ALA A 507 18.42 20.32 37.79
CA ALA A 507 19.78 20.90 37.73
C ALA A 507 20.76 19.92 37.06
N ASP A 508 21.61 20.42 36.18
CA ASP A 508 22.78 19.68 35.65
C ASP A 508 23.82 19.55 36.78
N ALA A 509 25.02 19.03 36.46
CA ALA A 509 26.12 18.74 37.40
C ALA A 509 26.65 20.05 38.03
N ARG A 510 26.73 21.13 37.24
CA ARG A 510 27.12 22.50 37.69
C ARG A 510 26.01 23.20 38.48
N GLY A 511 24.85 22.57 38.66
CA GLY A 511 23.72 23.08 39.47
C GLY A 511 22.93 24.19 38.77
N ARG A 512 22.95 24.27 37.44
CA ARG A 512 22.14 25.28 36.70
C ARG A 512 21.02 24.58 35.90
N ILE A 513 19.82 25.15 35.93
CA ILE A 513 18.65 24.76 35.09
C ILE A 513 18.64 25.67 33.87
N ARG A 514 18.76 25.11 32.67
CA ARG A 514 18.94 25.88 31.43
C ARG A 514 17.56 26.12 30.79
N ASN A 515 17.41 27.23 30.09
CA ASN A 515 16.26 27.45 29.17
C ASN A 515 16.39 26.42 28.05
N GLY A 516 15.27 26.08 27.40
CA GLY A 516 15.20 25.11 26.30
C GLY A 516 14.95 25.77 24.96
N VAL A 517 14.14 25.12 24.13
CA VAL A 517 13.85 25.49 22.71
C VAL A 517 12.36 25.23 22.45
N LEU A 518 11.71 26.14 21.73
CA LEU A 518 10.40 25.89 21.07
C LEU A 518 10.67 25.40 19.65
N LEU A 519 9.98 24.32 19.27
CA LEU A 519 10.05 23.70 17.93
C LEU A 519 8.66 23.67 17.32
N ARG A 520 8.60 23.74 16.00
CA ARG A 520 7.38 23.67 15.18
C ARG A 520 7.24 22.24 14.64
N VAL A 521 6.07 21.62 14.80
CA VAL A 521 5.83 20.19 14.44
C VAL A 521 4.93 20.15 13.21
N TYR A 522 5.38 19.46 12.15
CA TYR A 522 4.62 19.24 10.89
C TYR A 522 4.35 17.74 10.68
N VAL A 523 3.12 17.39 10.32
CA VAL A 523 2.73 15.99 9.97
C VAL A 523 2.39 15.94 8.48
N PRO A 524 2.53 14.75 7.84
CA PRO A 524 2.08 14.57 6.47
C PRO A 524 0.58 14.86 6.34
N ARG A 525 0.18 15.53 5.24
CA ARG A 525 -1.22 15.96 4.95
C ARG A 525 -2.20 14.78 4.95
N ALA A 526 -1.75 13.56 4.61
CA ALA A 526 -2.54 12.31 4.58
C ALA A 526 -3.08 11.97 5.98
N ALA A 527 -2.42 12.46 7.04
CA ALA A 527 -2.79 12.20 8.45
C ALA A 527 -4.00 13.06 8.85
N LEU A 528 -4.30 14.12 8.08
CA LEU A 528 -5.33 15.14 8.42
C LEU A 528 -6.64 14.49 8.85
N PRO A 529 -7.15 13.45 8.13
CA PRO A 529 -8.38 12.79 8.54
C PRO A 529 -8.38 12.20 9.97
N ARG A 530 -7.20 11.86 10.50
CA ARG A 530 -7.07 11.16 11.81
C ARG A 530 -6.44 12.09 12.87
N LEU A 531 -6.61 13.41 12.70
CA LEU A 531 -6.30 14.41 13.75
C LEU A 531 -7.61 14.77 14.44
N PHE A 532 -7.84 14.17 15.61
CA PHE A 532 -9.13 14.22 16.34
C PHE A 532 -9.05 15.28 17.44
N ALA A 533 -10.21 15.81 17.85
CA ALA A 533 -10.35 16.71 19.02
C ALA A 533 -11.50 16.19 19.89
N THR A 534 -11.57 16.69 21.12
CA THR A 534 -12.58 16.34 22.16
C THR A 534 -12.63 17.53 23.13
N GLN A 535 -13.75 17.72 23.83
CA GLN A 535 -13.89 18.80 24.84
C GLN A 535 -13.72 18.22 26.25
N GLN A 536 -13.30 16.95 26.38
CA GLN A 536 -13.03 16.28 27.68
C GLN A 536 -11.54 16.36 28.02
N THR A 537 -11.22 16.27 29.31
CA THR A 537 -9.83 16.36 29.85
C THR A 537 -9.10 15.06 29.48
N LEU A 538 -7.84 15.18 29.04
CA LEU A 538 -7.08 14.10 28.36
C LEU A 538 -6.49 13.08 29.35
N ALA A 539 -7.00 13.00 30.58
CA ALA A 539 -6.72 11.88 31.51
C ALA A 539 -7.86 11.77 32.53
N ALA A 540 -9.09 11.95 32.05
CA ALA A 540 -10.35 11.92 32.83
C ALA A 540 -10.89 10.49 32.86
N PRO A 541 -11.84 10.16 33.77
CA PRO A 541 -12.33 8.79 33.93
C PRO A 541 -12.78 8.15 32.60
N GLY A 542 -13.83 8.70 31.99
CA GLY A 542 -14.47 8.15 30.79
C GLY A 542 -13.67 8.42 29.52
N ALA A 543 -12.73 9.39 29.60
CA ALA A 543 -11.94 9.91 28.46
C ALA A 543 -11.21 8.76 27.73
N VAL A 544 -10.63 7.82 28.47
CA VAL A 544 -9.90 6.65 27.89
C VAL A 544 -10.83 5.94 26.89
N ASP A 545 -12.05 5.61 27.31
CA ASP A 545 -13.01 4.80 26.51
C ASP A 545 -13.64 5.69 25.43
N GLU A 546 -13.93 6.96 25.75
CA GLU A 546 -14.57 7.94 24.84
C GLU A 546 -13.63 8.29 23.67
N ILE A 547 -12.33 8.38 23.93
CA ILE A 547 -11.29 8.62 22.88
C ILE A 547 -11.07 7.31 22.11
N GLY A 548 -11.12 6.17 22.80
CA GLY A 548 -10.95 4.82 22.21
C GLY A 548 -11.98 4.55 21.12
N ARG A 549 -13.24 4.96 21.35
CA ARG A 549 -14.36 4.82 20.38
C ARG A 549 -14.18 5.87 19.27
N LEU A 550 -13.71 7.07 19.62
CA LEU A 550 -13.51 8.21 18.68
C LEU A 550 -12.47 7.84 17.61
N ILE A 551 -11.44 7.07 17.95
CA ILE A 551 -10.31 6.70 17.04
C ILE A 551 -10.51 5.28 16.49
N GLY A 552 -11.52 4.55 16.98
CA GLY A 552 -11.92 3.24 16.44
C GLY A 552 -11.09 2.08 16.98
N HIS A 553 -10.33 2.30 18.06
CA HIS A 553 -9.56 1.24 18.77
C HIS A 553 -9.10 1.77 20.11
N PRO A 554 -8.73 0.90 21.08
CA PRO A 554 -8.28 1.36 22.39
C PRO A 554 -6.93 2.11 22.29
N LEU A 555 -6.70 3.04 23.22
CA LEU A 555 -5.37 3.69 23.40
C LEU A 555 -4.37 2.58 23.69
N PRO A 556 -3.05 2.78 23.47
CA PRO A 556 -2.48 4.05 23.04
C PRO A 556 -2.70 4.45 21.58
N LEU A 557 -2.53 5.73 21.28
CA LEU A 557 -2.65 6.30 19.90
C LEU A 557 -1.61 5.65 18.98
N GLN A 558 -1.95 5.51 17.70
CA GLN A 558 -1.12 4.90 16.63
C GLN A 558 -0.89 5.97 15.56
N LEU A 559 -1.48 5.78 14.37
CA LEU A 559 -1.49 6.78 13.26
C LEU A 559 -2.66 7.74 13.46
N GLU A 560 -2.69 8.39 14.62
CA GLU A 560 -3.74 9.36 15.05
C GLU A 560 -3.13 10.39 15.98
N ALA A 561 -3.81 11.53 16.11
CA ALA A 561 -3.57 12.56 17.13
C ALA A 561 -4.88 12.80 17.88
N ILE A 562 -4.79 13.18 19.15
CA ILE A 562 -5.96 13.69 19.94
C ILE A 562 -5.59 15.07 20.46
N THR A 563 -6.46 16.06 20.22
CA THR A 563 -6.41 17.41 20.83
C THR A 563 -7.56 17.54 21.85
N GLY A 564 -7.27 18.04 23.05
CA GLY A 564 -8.27 18.22 24.11
C GLY A 564 -7.71 19.04 25.28
N PRO A 565 -8.59 19.58 26.16
CA PRO A 565 -8.15 20.37 27.31
C PRO A 565 -7.24 19.56 28.24
N GLU A 566 -6.10 20.15 28.63
CA GLU A 566 -5.09 19.55 29.53
C GLU A 566 -5.67 19.44 30.93
N GLU A 567 -6.40 20.48 31.35
CA GLU A 567 -7.23 20.54 32.59
C GLU A 567 -8.64 21.00 32.17
N GLU A 568 -9.65 20.83 33.04
CA GLU A 568 -11.00 21.40 32.83
C GLU A 568 -10.87 22.93 32.83
N GLY A 569 -11.24 23.58 31.71
CA GLY A 569 -11.03 25.02 31.50
C GLY A 569 -9.57 25.35 31.16
N GLY A 570 -8.73 24.32 30.97
CA GLY A 570 -7.30 24.48 30.65
C GLY A 570 -7.10 24.75 29.16
N ARG A 571 -5.87 25.05 28.76
CA ARG A 571 -5.46 25.23 27.34
C ARG A 571 -5.36 23.84 26.68
N LEU A 572 -5.33 23.82 25.33
CA LEU A 572 -5.43 22.59 24.50
C LEU A 572 -4.05 21.92 24.35
N ALA A 573 -3.97 20.63 24.65
CA ALA A 573 -2.83 19.74 24.37
C ALA A 573 -3.13 18.84 23.16
N THR A 574 -2.12 18.57 22.34
CA THR A 574 -2.20 17.65 21.17
C THR A 574 -1.22 16.50 21.39
N ILE A 575 -1.72 15.27 21.36
CA ILE A 575 -0.86 14.05 21.50
C ILE A 575 -0.80 13.39 20.13
N LEU A 576 0.39 13.36 19.53
CA LEU A 576 0.65 12.56 18.31
C LEU A 576 0.99 11.15 18.78
N GLY A 577 0.27 10.15 18.28
CA GLY A 577 0.68 8.75 18.43
C GLY A 577 2.10 8.59 17.91
N TRP A 578 2.92 7.81 18.60
CA TRP A 578 4.35 7.62 18.24
C TRP A 578 4.53 7.17 16.78
N ARG A 579 3.65 6.33 16.23
CA ARG A 579 3.82 5.85 14.83
C ARG A 579 3.64 7.04 13.86
N LEU A 580 2.80 8.02 14.21
CA LEU A 580 2.60 9.26 13.42
C LEU A 580 3.73 10.26 13.72
N ALA A 581 4.12 10.36 14.99
CA ALA A 581 5.13 11.35 15.47
C ALA A 581 6.46 11.11 14.74
N GLU A 582 6.85 9.84 14.56
CA GLU A 582 8.10 9.42 13.86
C GLU A 582 8.13 9.93 12.41
N GLN A 583 6.96 10.20 11.81
CA GLN A 583 6.78 10.71 10.42
C GLN A 583 6.57 12.23 10.44
N ALA A 584 6.57 12.86 11.61
CA ALA A 584 6.51 14.33 11.74
C ALA A 584 7.86 14.91 11.32
N VAL A 585 7.87 16.15 10.84
CA VAL A 585 9.10 16.94 10.60
C VAL A 585 9.06 18.11 11.58
N VAL A 586 10.17 18.32 12.26
CA VAL A 586 10.27 19.32 13.37
C VAL A 586 11.37 20.30 13.02
N ILE A 587 11.04 21.59 12.98
CA ILE A 587 12.04 22.67 12.75
C ILE A 587 11.97 23.66 13.90
N PRO A 588 13.01 24.52 14.08
CA PRO A 588 13.00 25.51 15.15
C PRO A 588 11.92 26.57 14.93
N SER A 589 11.34 27.07 16.02
CA SER A 589 10.58 28.33 16.10
C SER A 589 11.56 29.52 16.10
N THR A 590 11.10 30.73 15.78
CA THR A 590 11.86 32.00 15.97
C THR A 590 11.44 32.62 17.30
N ILE A 591 10.56 31.95 18.05
CA ILE A 591 10.17 32.34 19.44
C ILE A 591 11.29 31.90 20.37
N PRO A 592 12.13 32.81 20.92
CA PRO A 592 13.18 32.41 21.85
C PRO A 592 12.62 32.11 23.26
N THR A 593 13.31 31.22 23.98
CA THR A 593 13.20 31.08 25.46
C THR A 593 14.04 32.17 26.11
N ASP A 594 13.64 32.64 27.29
CA ASP A 594 14.32 33.77 27.98
C ASP A 594 15.38 33.17 28.89
N PRO A 595 16.69 33.38 28.60
CA PRO A 595 17.77 32.84 29.42
C PRO A 595 17.85 33.42 30.84
N ARG A 596 17.16 34.53 31.11
CA ARG A 596 17.22 35.23 32.43
C ARG A 596 15.88 35.08 33.18
N ASN A 597 14.88 34.40 32.60
CA ASN A 597 13.56 34.19 33.25
C ASN A 597 13.14 32.73 33.05
N VAL A 598 14.01 31.80 33.46
CA VAL A 598 13.78 30.33 33.30
C VAL A 598 12.80 29.86 34.38
N GLY A 599 11.59 29.47 33.98
CA GLY A 599 10.43 29.22 34.87
C GLY A 599 9.39 30.32 34.74
N GLY A 600 9.73 31.42 34.07
CA GLY A 600 8.78 32.50 33.70
C GLY A 600 7.89 32.12 32.52
N ASP A 601 6.85 32.91 32.28
CA ASP A 601 5.85 32.69 31.21
C ASP A 601 6.35 33.35 29.92
N LEU A 602 5.88 32.85 28.78
CA LEU A 602 6.18 33.44 27.45
C LEU A 602 5.73 34.91 27.45
N ASP A 603 6.63 35.83 27.09
CA ASP A 603 6.30 37.24 26.77
C ASP A 603 5.56 37.25 25.43
N PRO A 604 4.26 37.62 25.37
CA PRO A 604 3.51 37.57 24.12
C PRO A 604 4.12 38.46 23.02
N ALA A 605 4.85 39.51 23.43
CA ALA A 605 5.50 40.50 22.56
C ALA A 605 6.68 39.87 21.80
N SER A 606 7.22 38.75 22.29
CA SER A 606 8.43 38.08 21.73
C SER A 606 8.05 37.13 20.58
N VAL A 607 6.76 36.85 20.38
CA VAL A 607 6.25 36.00 19.25
C VAL A 607 6.19 36.85 17.99
N PRO A 608 7.11 36.69 17.01
CA PRO A 608 7.05 37.50 15.79
C PRO A 608 5.73 37.31 15.04
N GLN A 609 5.13 38.42 14.62
CA GLN A 609 3.90 38.49 13.77
C GLN A 609 4.02 37.52 12.59
N GLU A 610 5.21 37.41 11.98
CA GLU A 610 5.47 36.59 10.77
C GLU A 610 5.36 35.09 11.09
N GLU A 611 5.59 34.67 12.34
CA GLU A 611 5.45 33.26 12.76
C GLU A 611 3.99 32.98 13.13
N SER A 612 3.32 33.90 13.82
CA SER A 612 1.87 33.82 14.16
C SER A 612 1.05 33.57 12.89
N ALA A 613 1.45 34.22 11.79
CA ALA A 613 0.72 34.26 10.51
C ALA A 613 0.77 32.92 9.79
N ILE A 614 1.77 32.07 10.08
CA ILE A 614 1.98 30.73 9.42
C ILE A 614 1.60 29.61 10.39
N SER A 615 0.91 29.93 11.49
CA SER A 615 0.64 28.98 12.60
C SER A 615 -0.86 28.70 12.76
N THR A 616 -1.64 28.89 11.69
CA THR A 616 -3.04 28.41 11.63
C THR A 616 -3.03 26.89 11.80
N LEU A 617 -3.81 26.40 12.77
CA LEU A 617 -3.99 24.95 13.04
C LEU A 617 -5.04 24.39 12.10
N PRO A 618 -5.02 23.08 11.82
CA PRO A 618 -6.00 22.46 10.93
C PRO A 618 -7.29 22.23 11.70
N ASP A 619 -8.42 22.15 10.99
CA ASP A 619 -9.76 21.84 11.56
C ASP A 619 -9.72 20.37 11.98
N TYR A 620 -9.93 20.08 13.26
CA TYR A 620 -9.85 18.73 13.86
C TYR A 620 -11.23 18.06 13.82
N THR A 621 -11.25 16.72 13.75
CA THR A 621 -12.47 15.88 13.69
C THR A 621 -12.96 15.58 15.13
N THR A 622 -14.18 15.98 15.48
CA THR A 622 -14.79 15.71 16.82
C THR A 622 -15.81 14.56 16.71
N GLN A 623 -16.27 14.05 17.86
CA GLN A 623 -17.34 13.02 18.01
C GLN A 623 -18.66 13.64 17.60
N PRO A 624 -19.59 12.88 16.97
CA PRO A 624 -20.95 13.36 16.75
C PRO A 624 -21.82 13.22 18.01
N GLU B 17 -3.30 -47.22 -12.72
CA GLU B 17 -3.05 -45.74 -12.81
C GLU B 17 -3.96 -44.99 -11.84
N SER B 18 -5.12 -45.54 -11.47
CA SER B 18 -6.16 -44.85 -10.67
C SER B 18 -5.68 -44.63 -9.23
N PHE B 19 -6.32 -43.70 -8.52
CA PHE B 19 -6.09 -43.34 -7.10
C PHE B 19 -7.33 -42.65 -6.54
N ASN B 20 -7.35 -42.33 -5.24
CA ASN B 20 -8.52 -41.74 -4.54
C ASN B 20 -8.08 -40.41 -3.91
N LEU B 21 -8.45 -39.29 -4.52
CA LEU B 21 -8.08 -37.92 -4.09
C LEU B 21 -8.52 -37.70 -2.65
N TRP B 22 -9.80 -37.90 -2.33
CA TRP B 22 -10.40 -37.45 -1.03
C TRP B 22 -10.07 -38.41 0.10
N GLN B 23 -9.73 -39.67 -0.19
CA GLN B 23 -9.28 -40.67 0.83
C GLN B 23 -7.78 -40.45 1.10
N GLU B 24 -6.94 -40.62 0.08
CA GLU B 24 -5.46 -40.68 0.21
C GLU B 24 -4.89 -39.30 0.53
N CYS B 25 -5.47 -38.22 -0.04
CA CYS B 25 -4.86 -36.87 -0.08
C CYS B 25 -5.59 -35.88 0.85
N ALA B 26 -6.51 -36.35 1.69
CA ALA B 26 -7.31 -35.51 2.64
C ALA B 26 -6.38 -34.86 3.66
N THR B 27 -5.41 -35.61 4.20
CA THR B 27 -4.34 -35.09 5.09
C THR B 27 -3.15 -34.68 4.24
N ARG B 28 -2.54 -35.67 3.56
CA ARG B 28 -1.37 -35.52 2.67
C ARG B 28 -1.16 -36.86 1.95
N CYS B 29 -0.62 -36.80 0.73
CA CYS B 29 -0.36 -37.96 -0.15
C CYS B 29 0.76 -37.57 -1.11
N THR B 30 1.59 -38.54 -1.51
CA THR B 30 2.62 -38.40 -2.57
C THR B 30 2.29 -39.36 -3.70
N LEU B 31 1.85 -38.81 -4.83
CA LEU B 31 1.54 -39.58 -6.06
C LEU B 31 2.84 -39.78 -6.85
N ASP B 32 3.14 -41.02 -7.22
CA ASP B 32 4.22 -41.35 -8.17
C ASP B 32 3.69 -41.10 -9.59
N LEU B 33 4.40 -40.28 -10.37
CA LEU B 33 4.04 -39.90 -11.77
C LEU B 33 5.10 -40.35 -12.76
N ALA B 34 6.05 -41.20 -12.34
CA ALA B 34 7.11 -41.78 -13.22
C ALA B 34 6.46 -42.67 -14.28
N GLN B 35 5.35 -43.34 -13.92
CA GLN B 35 4.62 -44.31 -14.78
C GLN B 35 3.62 -43.60 -15.69
N GLY B 36 3.60 -42.25 -15.71
CA GLY B 36 2.72 -41.45 -16.59
C GLY B 36 1.50 -40.90 -15.85
N VAL B 37 0.33 -40.92 -16.50
CA VAL B 37 -0.92 -40.24 -16.05
C VAL B 37 -1.60 -41.05 -14.93
N ARG B 38 -1.96 -40.39 -13.83
CA ARG B 38 -2.76 -40.96 -12.70
C ARG B 38 -4.13 -40.26 -12.70
N ALA B 39 -5.17 -40.95 -12.21
CA ALA B 39 -6.58 -40.53 -12.33
C ALA B 39 -7.40 -40.90 -11.10
N SER B 40 -8.18 -39.95 -10.58
CA SER B 40 -9.16 -40.12 -9.49
C SER B 40 -10.52 -39.61 -9.97
N GLN B 41 -11.60 -40.35 -9.72
CA GLN B 41 -12.98 -39.89 -10.04
C GLN B 41 -13.47 -39.05 -8.85
N LEU B 42 -14.11 -37.91 -9.14
CA LEU B 42 -14.74 -37.02 -8.14
C LEU B 42 -16.26 -37.21 -8.20
N ASP B 43 -16.78 -38.17 -7.42
CA ASP B 43 -18.21 -38.53 -7.38
C ASP B 43 -18.90 -37.73 -6.28
N VAL B 44 -19.51 -36.60 -6.65
CA VAL B 44 -20.25 -35.70 -5.71
C VAL B 44 -21.75 -36.01 -5.80
N ALA B 45 -22.20 -36.59 -6.92
CA ALA B 45 -23.60 -37.01 -7.17
C ALA B 45 -24.06 -37.96 -6.06
N SER B 46 -23.17 -38.81 -5.55
CA SER B 46 -23.45 -39.75 -4.44
C SER B 46 -23.54 -39.01 -3.09
N LEU B 47 -23.82 -37.70 -3.12
CA LEU B 47 -24.33 -36.92 -1.96
C LEU B 47 -25.35 -35.88 -2.48
N LEU B 48 -26.65 -36.22 -2.49
CA LEU B 48 -27.74 -35.43 -3.15
C LEU B 48 -29.04 -35.49 -2.32
N GLY B 49 -30.13 -34.95 -2.88
CA GLY B 49 -31.48 -34.93 -2.27
C GLY B 49 -32.46 -34.13 -3.12
N GLY B 53 -30.48 -29.85 -2.79
CA GLY B 53 -31.13 -29.04 -3.83
C GLY B 53 -30.13 -28.21 -4.63
N SER B 54 -30.40 -26.90 -4.77
CA SER B 54 -29.61 -25.94 -5.58
C SER B 54 -28.58 -25.23 -4.69
N GLY B 55 -27.35 -25.00 -5.20
CA GLY B 55 -26.26 -24.36 -4.42
C GLY B 55 -24.92 -24.39 -5.15
N VAL B 56 -23.82 -24.40 -4.41
CA VAL B 56 -22.46 -24.29 -4.99
C VAL B 56 -21.53 -25.34 -4.37
N LEU B 57 -20.80 -26.06 -5.22
CA LEU B 57 -19.69 -26.95 -4.82
C LEU B 57 -18.39 -26.14 -4.74
N HIS B 58 -17.65 -26.29 -3.65
CA HIS B 58 -16.25 -25.84 -3.50
C HIS B 58 -15.33 -27.06 -3.44
N TYR B 59 -14.66 -27.39 -4.55
CA TYR B 59 -13.49 -28.31 -4.59
C TYR B 59 -12.24 -27.49 -4.26
N SER B 60 -11.31 -28.08 -3.51
CA SER B 60 -10.01 -27.43 -3.14
C SER B 60 -8.99 -28.50 -2.78
N MET B 61 -7.71 -28.15 -2.94
CA MET B 61 -6.55 -28.99 -2.56
C MET B 61 -5.28 -28.13 -2.59
N VAL B 62 -4.30 -28.47 -1.75
CA VAL B 62 -2.97 -27.80 -1.72
C VAL B 62 -2.00 -28.68 -2.52
N LEU B 63 -1.31 -28.07 -3.48
CA LEU B 63 -0.27 -28.71 -4.32
C LEU B 63 1.10 -28.27 -3.80
N GLU B 64 1.92 -29.24 -3.38
CA GLU B 64 3.25 -28.98 -2.76
C GLU B 64 4.35 -29.38 -3.74
N GLU B 65 5.31 -30.21 -3.32
CA GLU B 65 6.42 -30.71 -4.19
C GLU B 65 5.79 -31.42 -5.40
N GLY B 66 6.24 -31.09 -6.61
CA GLY B 66 5.65 -31.55 -7.88
C GLY B 66 4.72 -30.53 -8.53
N GLY B 67 4.23 -29.53 -7.80
CA GLY B 67 3.19 -28.59 -8.25
C GLY B 67 3.69 -27.53 -9.23
N ASP B 68 4.99 -27.50 -9.53
CA ASP B 68 5.65 -26.49 -10.39
C ASP B 68 6.00 -27.09 -11.76
N SER B 69 5.64 -28.35 -12.02
CA SER B 69 5.86 -29.04 -13.31
C SER B 69 4.73 -30.04 -13.55
N LEU B 70 3.52 -29.52 -13.72
CA LEU B 70 2.28 -30.35 -13.72
C LEU B 70 1.38 -29.95 -14.88
N LYS B 71 0.59 -30.90 -15.37
CA LYS B 71 -0.59 -30.69 -16.23
C LYS B 71 -1.75 -31.47 -15.60
N LEU B 72 -2.71 -30.76 -14.99
CA LEU B 72 -3.99 -31.32 -14.47
C LEU B 72 -5.06 -31.18 -15.54
N ALA B 73 -6.06 -32.06 -15.51
CA ALA B 73 -7.31 -31.94 -16.31
C ALA B 73 -8.51 -32.31 -15.44
N LEU B 74 -9.69 -31.77 -15.77
CA LEU B 74 -11.01 -32.14 -15.21
C LEU B 74 -11.86 -32.67 -16.38
N GLY B 75 -11.90 -33.99 -16.56
CA GLY B 75 -12.36 -34.64 -17.79
C GLY B 75 -11.47 -34.30 -18.98
N ASN B 76 -12.06 -33.93 -20.12
CA ASN B 76 -11.36 -33.73 -21.42
C ASN B 76 -11.11 -32.24 -21.67
N ALA B 77 -12.01 -31.37 -21.19
CA ALA B 77 -12.24 -30.01 -21.71
C ALA B 77 -11.42 -28.95 -20.96
N LEU B 78 -11.11 -29.19 -19.69
CA LEU B 78 -10.59 -28.16 -18.74
C LEU B 78 -9.20 -28.57 -18.25
N THR B 79 -8.17 -27.84 -18.65
CA THR B 79 -6.75 -28.19 -18.40
C THR B 79 -6.08 -27.06 -17.63
N LEU B 80 -5.24 -27.45 -16.66
CA LEU B 80 -4.35 -26.55 -15.88
C LEU B 80 -2.89 -26.98 -16.12
N ARG B 81 -2.04 -26.03 -16.47
CA ARG B 81 -0.59 -26.24 -16.72
C ARG B 81 0.17 -25.28 -15.80
N THR B 82 1.13 -25.83 -15.05
CA THR B 82 2.01 -25.08 -14.11
C THR B 82 3.46 -25.41 -14.44
N ASP B 83 4.31 -24.40 -14.61
CA ASP B 83 5.76 -24.55 -14.92
C ASP B 83 6.60 -23.84 -13.85
N GLY B 84 5.97 -23.33 -12.80
CA GLY B 84 6.64 -22.55 -11.72
C GLY B 84 6.65 -21.05 -11.98
N THR B 85 6.55 -20.59 -13.24
CA THR B 85 6.50 -19.16 -13.62
C THR B 85 5.03 -18.69 -13.71
N THR B 86 4.20 -19.49 -14.39
CA THR B 86 2.78 -19.16 -14.68
C THR B 86 1.93 -20.38 -14.32
N ILE B 87 0.66 -20.16 -14.01
CA ILE B 87 -0.41 -21.20 -13.92
C ILE B 87 -1.43 -20.84 -14.99
N THR B 88 -1.66 -21.71 -15.96
CA THR B 88 -2.51 -21.41 -17.13
C THR B 88 -3.74 -22.33 -17.10
N LEU B 89 -4.88 -21.73 -17.39
CA LEU B 89 -6.21 -22.39 -17.43
C LEU B 89 -6.66 -22.36 -18.89
N THR B 90 -7.09 -23.50 -19.41
CA THR B 90 -7.63 -23.66 -20.78
C THR B 90 -8.92 -24.45 -20.69
N SER B 91 -10.02 -23.93 -21.24
CA SER B 91 -11.37 -24.55 -21.14
C SER B 91 -12.08 -24.48 -22.47
N ALA B 92 -12.81 -25.54 -22.82
CA ALA B 92 -13.89 -25.51 -23.82
C ALA B 92 -15.02 -24.65 -23.25
N THR B 93 -15.66 -23.84 -24.10
CA THR B 93 -16.73 -22.89 -23.69
C THR B 93 -18.05 -23.25 -24.36
N ALA B 94 -19.14 -22.65 -23.88
CA ALA B 94 -20.48 -22.70 -24.49
C ALA B 94 -20.54 -21.72 -25.67
N GLY B 95 -19.44 -21.02 -25.96
CA GLY B 95 -19.36 -20.01 -27.02
C GLY B 95 -18.58 -20.52 -28.22
N LYS B 96 -17.82 -19.62 -28.84
CA LYS B 96 -17.01 -19.89 -30.05
C LYS B 96 -15.57 -20.21 -29.61
N GLY B 97 -15.32 -21.48 -29.26
CA GLY B 97 -13.97 -22.06 -29.12
C GLY B 97 -13.34 -21.88 -27.74
N PRO B 98 -12.19 -22.54 -27.48
CA PRO B 98 -11.55 -22.52 -26.16
C PRO B 98 -11.03 -21.15 -25.74
N ARG B 99 -11.02 -20.89 -24.43
CA ARG B 99 -10.34 -19.70 -23.86
C ARG B 99 -9.19 -20.16 -22.94
N THR B 100 -8.08 -19.44 -22.99
CA THR B 100 -6.87 -19.62 -22.15
C THR B 100 -6.69 -18.38 -21.27
N TYR B 101 -6.49 -18.57 -19.96
CA TYR B 101 -6.02 -17.51 -19.03
C TYR B 101 -4.70 -17.95 -18.42
N SER B 102 -3.85 -16.99 -18.12
CA SER B 102 -2.48 -17.20 -17.60
C SER B 102 -2.27 -16.29 -16.39
N TYR B 103 -2.08 -16.89 -15.22
CA TYR B 103 -1.66 -16.20 -13.97
C TYR B 103 -0.15 -16.31 -13.83
N THR B 104 0.53 -15.18 -13.65
CA THR B 104 1.98 -15.10 -13.36
C THR B 104 2.19 -15.27 -11.86
N ARG B 105 2.86 -16.35 -11.44
CA ARG B 105 3.25 -16.57 -10.02
C ARG B 105 3.97 -15.33 -9.52
N GLN B 106 3.47 -14.71 -8.45
CA GLN B 106 4.11 -13.55 -7.78
C GLN B 106 5.03 -14.08 -6.66
N GLY B 107 4.86 -15.35 -6.29
CA GLY B 107 5.59 -16.04 -5.22
C GLY B 107 6.11 -17.41 -5.68
N ARG B 108 6.39 -18.30 -4.74
CA ARG B 108 6.92 -19.66 -5.03
C ARG B 108 6.59 -20.57 -3.84
N GLY B 109 6.56 -21.88 -4.09
CA GLY B 109 6.25 -22.88 -3.06
C GLY B 109 4.86 -23.44 -3.23
N ASN B 110 4.22 -23.77 -2.12
CA ASN B 110 2.91 -24.46 -2.11
C ASN B 110 1.86 -23.47 -2.62
N TRP B 111 0.80 -23.97 -3.24
CA TRP B 111 -0.34 -23.14 -3.67
C TRP B 111 -1.61 -23.98 -3.63
N SER B 112 -2.73 -23.32 -3.34
CA SER B 112 -4.07 -23.94 -3.24
C SER B 112 -4.84 -23.75 -4.57
N LEU B 113 -5.46 -24.83 -5.05
CA LEU B 113 -6.37 -24.85 -6.22
C LEU B 113 -7.80 -24.89 -5.68
N HIS B 114 -8.62 -23.96 -6.16
CA HIS B 114 -10.05 -23.83 -5.82
C HIS B 114 -10.84 -23.80 -7.13
N TRP B 115 -11.91 -24.57 -7.23
CA TRP B 115 -12.95 -24.31 -8.24
C TRP B 115 -14.34 -24.42 -7.61
N LEU B 116 -15.22 -23.49 -8.00
CA LEU B 116 -16.64 -23.39 -7.57
C LEU B 116 -17.53 -23.83 -8.71
N VAL B 117 -18.41 -24.79 -8.45
CA VAL B 117 -19.36 -25.32 -9.47
C VAL B 117 -20.77 -25.13 -8.92
N PRO B 118 -21.60 -24.33 -9.63
CA PRO B 118 -23.00 -24.15 -9.25
C PRO B 118 -23.85 -25.40 -9.55
N VAL B 119 -24.79 -25.72 -8.65
CA VAL B 119 -25.75 -26.86 -8.80
C VAL B 119 -27.17 -26.32 -8.83
N GLY B 120 -28.01 -26.86 -9.74
CA GLY B 120 -29.42 -26.46 -9.92
C GLY B 120 -29.71 -26.19 -11.38
N ASP B 121 -30.97 -26.34 -11.80
CA ASP B 121 -31.41 -26.11 -13.20
C ASP B 121 -31.47 -24.61 -13.48
N ASP B 122 -31.71 -23.80 -12.44
CA ASP B 122 -31.76 -22.31 -12.53
C ASP B 122 -30.39 -21.68 -12.17
N ALA B 123 -29.37 -22.48 -11.89
CA ALA B 123 -28.08 -21.98 -11.36
C ALA B 123 -27.30 -21.31 -12.49
N PRO B 124 -26.34 -20.40 -12.19
CA PRO B 124 -25.55 -19.75 -13.24
C PRO B 124 -24.86 -20.76 -14.16
N ALA B 125 -24.58 -20.35 -15.39
CA ALA B 125 -23.98 -21.18 -16.45
C ALA B 125 -22.45 -20.96 -16.50
N SER B 126 -21.79 -20.77 -15.37
CA SER B 126 -20.32 -20.63 -15.30
C SER B 126 -19.74 -21.27 -14.05
N ILE B 127 -18.48 -21.67 -14.14
CA ILE B 127 -17.65 -22.13 -12.98
C ILE B 127 -16.66 -21.01 -12.62
N LYS B 128 -16.17 -21.05 -11.39
CA LYS B 128 -15.05 -20.21 -10.89
C LYS B 128 -13.84 -21.11 -10.67
N VAL B 129 -12.65 -20.64 -11.02
CA VAL B 129 -11.34 -21.27 -10.75
C VAL B 129 -10.38 -20.16 -10.32
N PHE B 130 -9.71 -20.33 -9.17
CA PHE B 130 -8.71 -19.36 -8.68
C PHE B 130 -7.61 -20.09 -7.90
N PHE B 131 -6.48 -19.42 -7.74
CA PHE B 131 -5.25 -19.97 -7.10
C PHE B 131 -4.83 -19.06 -5.96
N HIS B 132 -4.57 -19.64 -4.80
CA HIS B 132 -3.94 -18.98 -3.62
C HIS B 132 -2.48 -19.47 -3.48
N GLU B 133 -1.51 -18.59 -3.66
CA GLU B 133 -0.08 -18.87 -3.36
C GLU B 133 0.11 -18.84 -1.85
N LEU B 134 0.85 -19.79 -1.28
CA LEU B 134 1.04 -19.94 0.18
C LEU B 134 2.51 -19.70 0.54
N ASP B 135 2.76 -19.18 1.74
CA ASP B 135 4.11 -19.04 2.35
C ASP B 135 4.41 -20.30 3.19
N ALA B 136 5.60 -20.34 3.79
CA ALA B 136 6.10 -21.46 4.63
C ALA B 136 5.10 -21.80 5.74
N GLY B 137 4.41 -20.81 6.33
CA GLY B 137 3.47 -21.01 7.45
C GLY B 137 2.02 -21.25 7.02
N SER B 138 1.80 -21.70 5.77
CA SER B 138 0.47 -22.05 5.19
C SER B 138 -0.54 -20.89 5.29
N GLU B 139 -0.07 -19.65 5.21
CA GLU B 139 -0.92 -18.43 5.06
C GLU B 139 -0.86 -18.01 3.59
N VAL B 140 -1.86 -17.29 3.10
CA VAL B 140 -1.94 -16.83 1.69
C VAL B 140 -1.00 -15.64 1.49
N SER B 141 -0.01 -15.77 0.59
CA SER B 141 0.97 -14.71 0.24
C SER B 141 0.47 -13.85 -0.94
N HIS B 142 -0.34 -14.42 -1.84
CA HIS B 142 -0.80 -13.77 -3.09
C HIS B 142 -2.06 -14.49 -3.57
N ILE B 143 -2.97 -13.79 -4.25
CA ILE B 143 -4.18 -14.42 -4.85
C ILE B 143 -4.14 -14.17 -6.36
N SER B 144 -4.64 -15.12 -7.14
CA SER B 144 -4.92 -14.93 -8.58
C SER B 144 -6.27 -14.22 -8.72
N PRO B 145 -6.61 -13.71 -9.92
CA PRO B 145 -7.98 -13.37 -10.24
C PRO B 145 -8.90 -14.58 -10.03
N ILE B 146 -10.19 -14.34 -9.74
CA ILE B 146 -11.25 -15.37 -9.88
C ILE B 146 -11.60 -15.43 -11.37
N TYR B 147 -11.32 -16.57 -12.00
CA TYR B 147 -11.56 -16.83 -13.44
C TYR B 147 -12.97 -17.43 -13.59
N SER B 148 -13.90 -16.66 -14.15
CA SER B 148 -15.31 -17.07 -14.35
C SER B 148 -15.47 -17.48 -15.80
N ILE B 149 -15.64 -18.77 -16.06
CA ILE B 149 -15.73 -19.31 -17.44
C ILE B 149 -17.12 -19.90 -17.66
N GLU B 150 -17.80 -19.42 -18.71
CA GLU B 150 -19.06 -20.01 -19.21
C GLU B 150 -18.71 -21.24 -20.03
N VAL B 151 -18.46 -22.34 -19.33
CA VAL B 151 -17.96 -23.61 -19.94
C VAL B 151 -19.06 -24.23 -20.79
N SER B 152 -18.70 -25.26 -21.57
CA SER B 152 -19.61 -26.16 -22.31
C SER B 152 -20.68 -26.73 -21.37
N ASP B 153 -21.86 -27.03 -21.90
CA ASP B 153 -22.98 -27.68 -21.17
C ASP B 153 -22.49 -28.99 -20.51
N ASP B 154 -21.66 -29.76 -21.23
CA ASP B 154 -21.07 -31.03 -20.74
C ASP B 154 -20.29 -30.75 -19.45
N LEU B 155 -19.36 -29.79 -19.47
CA LEU B 155 -18.52 -29.43 -18.30
C LEU B 155 -19.43 -29.06 -17.12
N LEU B 156 -20.51 -28.29 -17.34
CA LEU B 156 -21.42 -27.83 -16.26
C LEU B 156 -22.09 -29.02 -15.56
N ARG B 157 -22.51 -30.04 -16.31
CA ARG B 157 -23.21 -31.23 -15.75
C ARG B 157 -22.17 -32.13 -15.06
N THR B 158 -21.03 -32.39 -15.71
CA THR B 158 -20.01 -33.38 -15.27
C THR B 158 -19.33 -32.90 -13.98
N MET B 159 -18.86 -31.64 -13.95
CA MET B 159 -18.13 -31.06 -12.79
C MET B 159 -19.08 -30.90 -11.59
N ALA B 160 -20.38 -31.18 -11.77
CA ALA B 160 -21.41 -31.12 -10.71
C ALA B 160 -21.88 -32.53 -10.30
N SER B 161 -21.37 -33.59 -10.95
CA SER B 161 -21.83 -35.00 -10.72
C SER B 161 -20.63 -35.95 -10.57
N ASN B 162 -20.02 -36.37 -11.68
CA ASN B 162 -18.91 -37.36 -11.67
C ASN B 162 -17.84 -36.92 -12.69
N SER B 163 -16.91 -36.08 -12.23
CA SER B 163 -15.75 -35.58 -13.02
C SER B 163 -14.52 -36.41 -12.64
N THR B 164 -13.53 -36.47 -13.52
CA THR B 164 -12.27 -37.23 -13.32
C THR B 164 -11.07 -36.26 -13.34
N LEU B 165 -10.28 -36.26 -12.26
CA LEU B 165 -9.01 -35.48 -12.14
C LEU B 165 -7.86 -36.32 -12.71
N PHE B 166 -7.19 -35.81 -13.76
CA PHE B 166 -5.99 -36.40 -14.40
C PHE B 166 -4.76 -35.56 -14.02
N VAL B 167 -3.74 -36.21 -13.44
CA VAL B 167 -2.44 -35.59 -13.07
C VAL B 167 -1.36 -36.22 -13.96
N ARG B 168 -0.56 -35.40 -14.63
CA ARG B 168 0.57 -35.84 -15.48
C ARG B 168 1.76 -34.91 -15.18
N HIS B 169 2.94 -35.47 -14.93
CA HIS B 169 4.17 -34.68 -14.70
C HIS B 169 4.63 -34.13 -16.05
N VAL B 170 5.20 -32.92 -16.05
CA VAL B 170 5.82 -32.29 -17.25
C VAL B 170 7.32 -32.19 -17.00
N GLU B 171 8.14 -32.70 -17.92
CA GLU B 171 9.62 -32.81 -17.77
C GLU B 171 10.18 -31.41 -17.48
N ASN B 172 10.99 -31.33 -16.43
CA ASN B 172 11.70 -30.09 -16.00
C ASN B 172 13.17 -30.40 -15.69
N ASN B 173 13.71 -31.49 -16.26
CA ASN B 173 15.11 -31.94 -16.05
C ASN B 173 15.34 -32.29 -14.57
N GLU B 174 14.45 -33.08 -13.96
CA GLU B 174 14.57 -33.57 -12.57
C GLU B 174 14.15 -35.04 -12.50
N ILE B 175 14.82 -35.84 -11.66
CA ILE B 175 14.70 -37.33 -11.65
C ILE B 175 13.44 -37.74 -10.88
N ASN B 176 12.96 -36.92 -9.93
CA ASN B 176 11.81 -37.29 -9.05
C ASN B 176 10.51 -36.80 -9.69
N ARG B 177 9.83 -37.68 -10.42
CA ARG B 177 8.54 -37.44 -11.11
C ARG B 177 7.42 -37.81 -10.15
N SER B 178 7.11 -36.90 -9.22
CA SER B 178 6.14 -37.12 -8.12
C SER B 178 5.34 -35.84 -7.87
N LEU B 179 4.19 -35.96 -7.19
CA LEU B 179 3.33 -34.81 -6.80
C LEU B 179 2.79 -35.04 -5.40
N THR B 180 2.97 -34.06 -4.51
CA THR B 180 2.43 -34.08 -3.12
C THR B 180 1.19 -33.18 -3.05
N LEU B 181 0.06 -33.74 -2.60
CA LEU B 181 -1.21 -33.01 -2.33
C LEU B 181 -1.53 -33.08 -0.85
N SER B 182 -2.05 -31.99 -0.27
CA SER B 182 -2.62 -31.93 1.10
C SER B 182 -4.00 -31.27 1.07
N ALA B 183 -4.84 -31.60 2.06
CA ALA B 183 -6.07 -30.86 2.38
C ALA B 183 -7.03 -30.90 1.17
N ALA B 184 -6.97 -31.97 0.38
CA ALA B 184 -7.93 -32.23 -0.70
C ALA B 184 -9.31 -32.39 -0.07
N GLY B 185 -10.33 -31.72 -0.63
CA GLY B 185 -11.71 -31.83 -0.15
C GLY B 185 -12.70 -31.17 -1.08
N VAL B 186 -13.98 -31.35 -0.79
CA VAL B 186 -15.12 -30.73 -1.52
C VAL B 186 -16.20 -30.41 -0.49
N GLY B 187 -16.66 -29.16 -0.49
CA GLY B 187 -17.78 -28.65 0.32
C GLY B 187 -18.98 -28.35 -0.55
N PHE B 188 -20.17 -28.29 0.03
CA PHE B 188 -21.41 -27.87 -0.64
C PHE B 188 -22.12 -26.88 0.26
N VAL B 189 -22.58 -25.78 -0.35
CA VAL B 189 -23.42 -24.73 0.29
C VAL B 189 -24.75 -24.69 -0.47
N ALA B 190 -25.82 -25.20 0.17
CA ALA B 190 -27.20 -25.15 -0.32
C ALA B 190 -27.66 -23.70 -0.34
N ALA B 191 -28.26 -23.25 -1.45
CA ALA B 191 -28.91 -21.92 -1.54
C ALA B 191 -30.19 -21.98 -0.71
N PRO B 192 -30.46 -20.96 0.16
CA PRO B 192 -31.74 -20.85 0.85
C PRO B 192 -32.93 -20.80 -0.12
N THR B 193 -34.03 -21.45 0.26
CA THR B 193 -35.26 -21.66 -0.56
C THR B 193 -35.82 -20.31 -1.01
N GLN B 194 -35.71 -19.27 -0.17
CA GLN B 194 -36.41 -17.97 -0.31
C GLN B 194 -35.79 -17.14 -1.44
N HIS B 195 -36.54 -16.14 -1.93
CA HIS B 195 -36.14 -15.10 -2.91
C HIS B 195 -36.10 -15.65 -4.34
N SER B 196 -36.22 -14.75 -5.33
CA SER B 196 -36.12 -14.98 -6.79
C SER B 196 -34.73 -15.51 -7.13
N ARG B 197 -34.60 -16.19 -8.29
CA ARG B 197 -33.28 -16.67 -8.80
C ARG B 197 -32.35 -15.46 -8.96
N GLN B 198 -32.85 -14.32 -9.45
CA GLN B 198 -32.02 -13.10 -9.71
C GLN B 198 -31.26 -12.70 -8.45
N LYS B 199 -31.95 -12.62 -7.30
CA LYS B 199 -31.36 -12.11 -6.04
C LYS B 199 -30.48 -13.21 -5.43
N ARG B 200 -30.87 -14.47 -5.58
CA ARG B 200 -30.14 -15.66 -5.08
C ARG B 200 -28.70 -15.64 -5.62
N TRP B 201 -28.50 -15.22 -6.87
CA TRP B 201 -27.21 -15.35 -7.60
C TRP B 201 -26.60 -13.99 -7.91
N SER B 202 -27.13 -12.92 -7.32
CA SER B 202 -26.73 -11.50 -7.57
C SER B 202 -25.22 -11.29 -7.34
N GLU B 203 -24.60 -12.03 -6.41
CA GLU B 203 -23.18 -11.86 -6.02
C GLU B 203 -22.28 -12.82 -6.83
N TRP B 204 -22.84 -13.64 -7.71
CA TRP B 204 -22.06 -14.64 -8.48
C TRP B 204 -20.93 -13.96 -9.27
N HIS B 205 -21.16 -12.75 -9.79
CA HIS B 205 -20.21 -12.02 -10.68
C HIS B 205 -19.63 -10.81 -9.95
N THR B 206 -19.56 -10.84 -8.62
CA THR B 206 -18.83 -9.86 -7.78
C THR B 206 -17.77 -10.58 -6.91
N GLY B 207 -16.90 -9.79 -6.28
CA GLY B 207 -15.94 -10.24 -5.26
C GLY B 207 -16.60 -11.10 -4.19
N LYS B 208 -17.83 -10.76 -3.80
CA LYS B 208 -18.58 -11.38 -2.68
C LYS B 208 -19.00 -12.82 -2.99
N VAL B 209 -18.65 -13.37 -4.16
CA VAL B 209 -18.84 -14.81 -4.45
C VAL B 209 -18.01 -15.63 -3.44
N LEU B 210 -16.90 -15.06 -2.97
CA LEU B 210 -16.01 -15.67 -1.95
C LEU B 210 -16.75 -15.82 -0.61
N CYS B 211 -17.61 -14.86 -0.29
CA CYS B 211 -18.39 -14.76 0.97
C CYS B 211 -19.39 -15.92 1.08
N LEU B 212 -19.73 -16.57 -0.03
CA LEU B 212 -20.68 -17.72 -0.05
C LEU B 212 -20.05 -18.95 0.61
N LEU B 213 -18.74 -18.93 0.85
CA LEU B 213 -17.96 -20.09 1.38
C LEU B 213 -17.16 -19.64 2.60
N ASP B 214 -17.37 -20.31 3.73
CA ASP B 214 -16.75 -19.95 5.04
C ASP B 214 -15.22 -20.06 4.95
N PRO B 215 -14.64 -21.11 4.32
CA PRO B 215 -13.19 -21.19 4.19
C PRO B 215 -12.51 -20.04 3.42
N LEU B 216 -13.28 -19.27 2.64
CA LEU B 216 -12.76 -18.13 1.83
C LEU B 216 -13.25 -16.79 2.40
N ASP B 217 -14.27 -16.81 3.26
CA ASP B 217 -14.88 -15.64 3.94
C ASP B 217 -13.78 -14.68 4.41
N ALA B 218 -12.80 -15.18 5.16
CA ALA B 218 -11.73 -14.39 5.81
C ALA B 218 -10.92 -13.64 4.75
N VAL B 219 -10.57 -14.31 3.65
CA VAL B 219 -9.71 -13.75 2.57
C VAL B 219 -10.37 -12.48 2.03
N TYR B 220 -11.66 -12.56 1.66
CA TYR B 220 -12.46 -11.38 1.19
C TYR B 220 -12.36 -10.28 2.23
N ASN B 221 -12.66 -10.61 3.49
CA ASN B 221 -12.77 -9.67 4.63
C ASN B 221 -11.45 -8.94 4.84
N TYR B 222 -10.33 -9.65 4.87
CA TYR B 222 -9.00 -9.06 5.17
C TYR B 222 -8.50 -8.22 3.99
N LEU B 223 -8.63 -8.71 2.76
CA LEU B 223 -8.07 -8.03 1.55
C LEU B 223 -8.86 -6.75 1.26
N SER B 224 -10.20 -6.81 1.36
CA SER B 224 -11.13 -5.71 1.00
C SER B 224 -11.38 -4.79 2.21
N GLN B 225 -11.23 -5.33 3.43
CA GLN B 225 -11.48 -4.65 4.73
C GLN B 225 -12.96 -4.27 4.81
N ARG B 226 -13.82 -5.11 4.25
CA ARG B 226 -15.29 -4.90 4.21
CA ARG B 226 -15.29 -4.92 4.16
C ARG B 226 -15.97 -6.18 4.70
N THR B 227 -17.17 -6.03 5.29
CA THR B 227 -18.01 -7.12 5.82
C THR B 227 -18.51 -8.00 4.67
N CYS B 228 -18.73 -9.29 4.93
CA CYS B 228 -19.32 -10.28 3.98
C CYS B 228 -20.85 -10.27 4.06
N ASN B 229 -21.45 -9.42 4.89
CA ASN B 229 -22.92 -9.20 4.98
C ASN B 229 -23.23 -7.75 4.59
N THR B 233 -24.79 -11.75 1.46
CA THR B 233 -24.66 -13.21 1.20
C THR B 233 -25.99 -13.91 1.55
N TRP B 234 -25.95 -15.24 1.70
CA TRP B 234 -27.10 -16.14 2.02
C TRP B 234 -27.19 -16.36 3.53
N GLU B 235 -28.11 -15.68 4.24
CA GLU B 235 -28.18 -15.80 5.72
C GLU B 235 -28.66 -17.21 6.10
N GLY B 236 -27.94 -17.83 7.05
CA GLY B 236 -28.23 -19.18 7.59
C GLY B 236 -27.55 -20.29 6.82
N LYS B 237 -26.72 -19.95 5.81
CA LYS B 237 -26.00 -20.94 4.95
C LYS B 237 -25.01 -21.75 5.81
N VAL B 238 -24.86 -23.03 5.52
CA VAL B 238 -23.87 -23.95 6.19
C VAL B 238 -22.91 -24.52 5.13
N TYR B 239 -21.60 -24.48 5.42
CA TYR B 239 -20.53 -25.17 4.65
C TYR B 239 -20.45 -26.64 5.08
N ARG B 240 -20.94 -27.53 4.23
CA ARG B 240 -21.02 -28.99 4.49
C ARG B 240 -19.91 -29.68 3.70
N VAL B 241 -18.87 -30.17 4.37
CA VAL B 241 -17.78 -30.99 3.76
C VAL B 241 -18.39 -32.34 3.35
N LEU B 242 -18.39 -32.65 2.05
CA LEU B 242 -18.94 -33.91 1.48
C LEU B 242 -17.88 -35.01 1.55
N ALA B 243 -16.60 -34.63 1.45
CA ALA B 243 -15.44 -35.55 1.38
C ALA B 243 -14.16 -34.76 1.62
N GLY B 244 -13.11 -35.46 2.11
CA GLY B 244 -11.78 -34.89 2.40
C GLY B 244 -11.84 -33.96 3.59
N THR B 245 -10.81 -33.13 3.74
CA THR B 245 -10.62 -32.16 4.84
C THR B 245 -10.14 -30.83 4.24
N PRO B 246 -11.05 -30.00 3.69
CA PRO B 246 -10.67 -28.74 3.08
C PRO B 246 -9.96 -27.82 4.09
N ALA B 247 -8.92 -27.12 3.64
CA ALA B 247 -8.15 -26.16 4.46
C ALA B 247 -8.95 -24.85 4.55
N SER B 248 -8.60 -24.01 5.54
CA SER B 248 -9.05 -22.61 5.70
C SER B 248 -7.81 -21.77 5.98
N HIS B 249 -7.20 -21.21 4.94
CA HIS B 249 -5.94 -20.43 5.05
C HIS B 249 -6.25 -19.01 5.53
N ASP B 250 -5.62 -18.59 6.62
CA ASP B 250 -5.57 -17.18 7.09
C ASP B 250 -4.68 -16.40 6.12
N THR B 251 -4.59 -15.08 6.29
CA THR B 251 -3.77 -14.16 5.45
C THR B 251 -3.48 -12.88 6.24
N HIS B 252 -2.25 -12.36 6.10
CA HIS B 252 -1.78 -11.08 6.71
C HIS B 252 -0.99 -10.30 5.67
N ILE B 253 -1.54 -10.17 4.46
CA ILE B 253 -0.95 -9.39 3.33
C ILE B 253 -1.66 -8.03 3.27
N VAL B 254 -0.97 -7.04 2.71
CA VAL B 254 -1.45 -5.63 2.61
C VAL B 254 -2.81 -5.63 1.90
N PRO B 255 -3.68 -4.62 2.18
CA PRO B 255 -4.88 -4.40 1.38
C PRO B 255 -4.57 -4.48 -0.13
N THR B 256 -5.34 -5.31 -0.85
CA THR B 256 -5.17 -5.60 -2.30
C THR B 256 -6.55 -5.73 -2.94
N ALA B 257 -6.67 -5.29 -4.19
CA ALA B 257 -7.87 -5.47 -5.04
C ALA B 257 -8.07 -6.96 -5.29
N ILE B 258 -9.29 -7.46 -5.03
CA ILE B 258 -9.72 -8.80 -5.52
C ILE B 258 -10.22 -8.62 -6.95
N SER B 259 -9.60 -9.28 -7.94
CA SER B 259 -10.01 -9.19 -9.36
C SER B 259 -10.82 -10.43 -9.71
N HIS B 260 -11.87 -10.23 -10.49
CA HIS B 260 -12.84 -11.28 -10.89
C HIS B 260 -13.07 -11.11 -12.39
N ARG B 261 -12.49 -12.02 -13.17
CA ARG B 261 -12.51 -12.03 -14.64
C ARG B 261 -13.78 -12.73 -15.10
N LEU B 262 -14.63 -12.02 -15.84
CA LEU B 262 -15.92 -12.55 -16.35
C LEU B 262 -15.82 -12.74 -17.88
N HIS B 263 -15.85 -14.00 -18.28
CA HIS B 263 -15.99 -14.49 -19.68
C HIS B 263 -17.48 -14.62 -20.01
N PHE B 264 -17.89 -14.11 -21.18
CA PHE B 264 -19.27 -14.25 -21.74
C PHE B 264 -19.22 -15.03 -23.06
N ALA B 265 -19.85 -16.21 -23.08
CA ALA B 265 -20.07 -17.07 -24.28
C ALA B 265 -20.62 -16.24 -25.44
N LYS B 266 -21.54 -15.32 -25.13
CA LYS B 266 -22.25 -14.46 -26.11
C LYS B 266 -21.28 -13.43 -26.71
N GLY B 267 -20.22 -13.06 -26.00
CA GLY B 267 -19.20 -12.09 -26.45
C GLY B 267 -19.71 -10.65 -26.38
N ASP B 268 -20.63 -10.36 -25.46
CA ASP B 268 -21.38 -9.07 -25.38
C ASP B 268 -20.99 -8.32 -24.11
N GLY B 269 -19.71 -8.40 -23.73
CA GLY B 269 -19.18 -7.84 -22.48
C GLY B 269 -19.59 -6.39 -22.27
N LEU B 270 -19.47 -5.53 -23.29
CA LEU B 270 -19.67 -4.07 -23.10
C LEU B 270 -21.17 -3.77 -22.95
N ALA B 271 -22.01 -4.36 -23.79
CA ALA B 271 -23.49 -4.28 -23.67
C ALA B 271 -23.90 -4.80 -22.28
N ALA B 272 -23.45 -5.99 -21.89
CA ALA B 272 -23.75 -6.60 -20.57
C ALA B 272 -23.39 -5.62 -19.45
N LEU B 273 -22.15 -5.13 -19.41
CA LEU B 273 -21.60 -4.31 -18.30
C LEU B 273 -22.43 -3.03 -18.17
N THR B 274 -22.61 -2.33 -19.29
CA THR B 274 -23.36 -1.06 -19.39
C THR B 274 -24.79 -1.27 -18.88
N THR B 275 -25.43 -2.37 -19.27
CA THR B 275 -26.84 -2.66 -18.88
C THR B 275 -26.85 -2.82 -17.35
N HIS B 276 -25.91 -3.61 -16.83
CA HIS B 276 -25.68 -3.78 -15.37
C HIS B 276 -25.60 -2.43 -14.67
N GLN B 277 -24.78 -1.50 -15.17
CA GLN B 277 -24.46 -0.23 -14.49
C GLN B 277 -25.62 0.75 -14.63
N VAL B 278 -26.32 0.76 -15.78
CA VAL B 278 -27.44 1.71 -16.01
C VAL B 278 -28.65 1.26 -15.17
N CYS B 279 -29.01 -0.02 -15.23
CA CYS B 279 -30.28 -0.55 -14.69
C CYS B 279 -30.12 -1.08 -13.26
N ALA B 280 -28.91 -1.14 -12.73
CA ALA B 280 -28.62 -1.84 -11.45
C ALA B 280 -29.19 -3.26 -11.51
N ILE B 281 -28.91 -3.98 -12.60
CA ILE B 281 -29.25 -5.42 -12.76
C ILE B 281 -27.98 -6.21 -12.47
N PRO B 282 -28.04 -7.23 -11.59
CA PRO B 282 -26.85 -8.03 -11.30
C PRO B 282 -26.31 -8.64 -12.60
N LEU B 283 -24.99 -8.55 -12.79
CA LEU B 283 -24.30 -8.96 -14.02
C LEU B 283 -24.56 -10.45 -14.31
N GLU B 284 -24.75 -11.28 -13.28
CA GLU B 284 -25.03 -12.73 -13.47
C GLU B 284 -26.37 -12.89 -14.22
N SER B 285 -27.33 -11.99 -14.00
CA SER B 285 -28.67 -12.01 -14.65
C SER B 285 -28.57 -11.58 -16.13
N LEU B 286 -27.42 -11.07 -16.58
CA LEU B 286 -27.18 -10.71 -18.02
C LEU B 286 -26.17 -11.69 -18.64
N ALA B 287 -25.70 -12.67 -17.89
CA ALA B 287 -24.80 -13.76 -18.35
C ALA B 287 -25.63 -14.84 -19.03
N ARG B 288 -24.98 -15.86 -19.61
CA ARG B 288 -25.64 -17.05 -20.18
C ARG B 288 -26.52 -17.75 -19.12
N SER B 289 -27.71 -18.17 -19.52
CA SER B 289 -28.68 -18.96 -18.71
C SER B 289 -28.68 -20.41 -19.18
N ARG B 290 -28.78 -21.35 -18.24
CA ARG B 290 -28.94 -22.80 -18.53
C ARG B 290 -30.30 -23.00 -19.22
N GLN B 291 -31.36 -22.45 -18.60
CA GLN B 291 -32.75 -22.45 -19.12
C GLN B 291 -32.96 -21.17 -19.93
N PRO B 292 -32.85 -21.19 -21.28
CA PRO B 292 -32.96 -19.98 -22.07
C PRO B 292 -34.30 -19.30 -21.75
N ARG B 293 -34.25 -18.21 -20.98
CA ARG B 293 -35.41 -17.33 -20.69
C ARG B 293 -35.26 -16.06 -21.55
N GLY B 294 -36.38 -15.39 -21.83
CA GLY B 294 -36.39 -14.16 -22.66
C GLY B 294 -35.87 -12.97 -21.89
N TRP B 295 -36.31 -11.79 -22.28
CA TRP B 295 -36.09 -10.49 -21.60
C TRP B 295 -37.34 -10.12 -20.77
N GLU B 296 -38.24 -11.09 -20.59
CA GLU B 296 -39.54 -10.93 -19.89
C GLU B 296 -39.33 -10.21 -18.54
N GLU B 297 -38.37 -10.67 -17.74
CA GLU B 297 -38.13 -10.17 -16.36
C GLU B 297 -37.50 -8.76 -16.39
N LEU B 298 -36.79 -8.41 -17.47
CA LEU B 298 -35.90 -7.21 -17.54
C LEU B 298 -36.32 -6.30 -18.72
N SER B 299 -37.61 -6.25 -19.03
CA SER B 299 -38.14 -5.70 -20.29
C SER B 299 -38.13 -4.16 -20.28
N GLN B 300 -38.10 -3.54 -19.10
CA GLN B 300 -38.36 -2.08 -18.94
C GLN B 300 -37.05 -1.27 -18.99
N CYS B 301 -35.93 -1.81 -18.48
CA CYS B 301 -34.59 -1.17 -18.53
C CYS B 301 -33.59 -2.09 -19.23
N GLY B 302 -33.45 -3.33 -18.75
CA GLY B 302 -32.55 -4.36 -19.30
C GLY B 302 -32.48 -4.34 -20.80
N TYR B 303 -33.54 -4.82 -21.47
CA TYR B 303 -33.56 -5.06 -22.92
C TYR B 303 -33.24 -3.76 -23.69
N PRO B 304 -33.98 -2.66 -23.45
CA PRO B 304 -33.76 -1.40 -24.16
C PRO B 304 -32.32 -0.87 -24.08
N VAL B 305 -31.68 -1.00 -22.92
CA VAL B 305 -30.28 -0.52 -22.70
C VAL B 305 -29.33 -1.46 -23.45
N HIS B 306 -29.52 -2.77 -23.32
CA HIS B 306 -28.67 -3.79 -24.02
C HIS B 306 -28.78 -3.56 -25.52
N ASN B 307 -29.99 -3.27 -25.98
CA ASN B 307 -30.31 -3.08 -27.42
C ASN B 307 -29.61 -1.82 -27.95
N LEU B 308 -29.71 -0.71 -27.23
CA LEU B 308 -29.09 0.60 -27.61
C LEU B 308 -27.59 0.39 -27.82
N VAL B 309 -26.90 -0.22 -26.87
CA VAL B 309 -25.42 -0.41 -26.93
C VAL B 309 -25.12 -1.39 -28.07
N THR B 310 -25.83 -2.52 -28.13
CA THR B 310 -25.68 -3.53 -29.22
C THR B 310 -25.83 -2.82 -30.59
N LEU B 311 -26.84 -1.97 -30.75
CA LEU B 311 -27.17 -1.33 -32.05
C LEU B 311 -26.09 -0.29 -32.39
N TYR B 312 -25.60 0.48 -31.41
CA TYR B 312 -24.54 1.48 -31.66
C TYR B 312 -23.27 0.77 -32.17
N LEU B 313 -22.85 -0.32 -31.52
CA LEU B 313 -21.64 -1.09 -31.89
C LEU B 313 -21.78 -1.64 -33.31
N LEU B 314 -23.00 -2.06 -33.70
CA LEU B 314 -23.28 -2.70 -35.02
C LEU B 314 -23.08 -1.68 -36.15
N THR B 315 -23.36 -0.40 -35.92
CA THR B 315 -23.21 0.67 -36.94
C THR B 315 -21.73 0.90 -37.28
N ARG B 316 -20.84 0.55 -36.35
CA ARG B 316 -19.37 0.76 -36.39
C ARG B 316 -19.06 2.26 -36.39
N LEU B 317 -20.00 3.10 -35.97
CA LEU B 317 -19.75 4.55 -35.73
C LEU B 317 -18.77 4.68 -34.57
N PRO B 318 -17.82 5.64 -34.65
CA PRO B 318 -17.02 5.96 -33.47
C PRO B 318 -17.87 6.47 -32.30
N TRP B 319 -17.43 6.21 -31.07
CA TRP B 319 -18.08 6.74 -29.83
C TRP B 319 -18.01 8.27 -29.78
N SER B 320 -17.05 8.90 -30.46
CA SER B 320 -16.88 10.38 -30.54
C SER B 320 -18.12 11.05 -31.16
N GLN B 321 -18.85 10.36 -32.04
CA GLN B 321 -19.99 10.93 -32.81
C GLN B 321 -21.31 10.72 -32.07
N LEU B 322 -21.28 10.24 -30.82
CA LEU B 322 -22.49 9.88 -30.02
C LEU B 322 -23.47 11.05 -29.97
N ASP B 323 -22.98 12.27 -29.71
CA ASP B 323 -23.83 13.47 -29.50
C ASP B 323 -24.57 13.81 -30.80
N THR B 324 -23.88 13.78 -31.94
CA THR B 324 -24.45 14.04 -33.29
C THR B 324 -25.53 13.00 -33.60
N VAL B 325 -25.28 11.73 -33.27
CA VAL B 325 -26.21 10.59 -33.51
C VAL B 325 -27.51 10.83 -32.73
N ILE B 326 -27.44 11.24 -31.46
CA ILE B 326 -28.65 11.44 -30.60
C ILE B 326 -29.44 12.68 -31.08
N THR B 327 -28.75 13.78 -31.40
CA THR B 327 -29.37 15.02 -31.95
C THR B 327 -30.16 14.67 -33.23
N GLN B 328 -29.53 13.94 -34.17
CA GLN B 328 -30.13 13.56 -35.49
C GLN B 328 -31.33 12.63 -35.30
N ALA B 329 -31.27 11.69 -34.35
CA ALA B 329 -32.40 10.76 -34.07
C ALA B 329 -33.59 11.56 -33.52
N LEU B 330 -33.33 12.54 -32.64
CA LEU B 330 -34.38 13.33 -31.94
C LEU B 330 -34.90 14.44 -32.85
N ALA B 331 -34.05 15.04 -33.70
CA ALA B 331 -34.45 16.01 -34.74
C ALA B 331 -35.39 15.32 -35.72
N ASN B 332 -34.99 14.13 -36.21
CA ASN B 332 -35.78 13.26 -37.13
C ASN B 332 -36.07 14.04 -38.42
N THR B 333 -35.13 14.88 -38.83
CA THR B 333 -35.23 15.85 -39.97
C THR B 333 -34.43 15.32 -41.17
N THR B 334 -33.80 14.15 -41.02
CA THR B 334 -32.94 13.50 -42.04
C THR B 334 -33.57 12.14 -42.35
N PRO B 335 -33.73 11.76 -43.65
CA PRO B 335 -34.37 10.50 -44.02
C PRO B 335 -33.56 9.26 -43.62
N GLU B 336 -34.21 8.31 -42.94
CA GLU B 336 -33.60 7.12 -42.31
C GLU B 336 -34.10 5.86 -43.02
N ASP B 337 -33.20 4.90 -43.26
CA ASP B 337 -33.53 3.52 -43.67
C ASP B 337 -33.73 2.71 -42.39
N GLY B 338 -35.00 2.44 -42.03
CA GLY B 338 -35.38 1.63 -40.85
C GLY B 338 -34.85 0.20 -40.92
N SER B 339 -34.39 -0.25 -42.09
CA SER B 339 -33.87 -1.63 -42.31
C SER B 339 -32.38 -1.73 -41.92
N THR B 340 -31.63 -0.62 -41.96
CA THR B 340 -30.18 -0.56 -41.57
C THR B 340 -30.05 -0.44 -40.06
N PRO B 341 -28.97 -0.97 -39.44
CA PRO B 341 -28.79 -0.87 -37.99
C PRO B 341 -28.66 0.59 -37.51
N ARG B 342 -28.25 1.49 -38.40
CA ARG B 342 -28.21 2.96 -38.19
C ARG B 342 -29.64 3.51 -38.01
N GLY B 343 -30.58 3.07 -38.85
CA GLY B 343 -32.00 3.41 -38.73
C GLY B 343 -32.61 2.78 -37.49
N GLN B 344 -32.26 1.53 -37.19
CA GLN B 344 -32.73 0.83 -35.97
C GLN B 344 -32.21 1.55 -34.73
N LEU B 345 -31.00 2.12 -34.77
CA LEU B 345 -30.41 2.85 -33.62
C LEU B 345 -31.22 4.13 -33.36
N ALA B 346 -31.52 4.90 -34.40
CA ALA B 346 -32.29 6.16 -34.33
C ALA B 346 -33.67 5.88 -33.72
N GLN B 347 -34.33 4.82 -34.15
CA GLN B 347 -35.64 4.39 -33.62
C GLN B 347 -35.47 4.06 -32.13
N ALA B 348 -34.46 3.29 -31.75
CA ALA B 348 -34.19 2.94 -30.32
C ALA B 348 -33.99 4.22 -29.51
N ILE B 349 -33.25 5.21 -30.04
CA ILE B 349 -32.98 6.47 -29.29
C ILE B 349 -34.30 7.23 -29.07
N ARG B 350 -35.18 7.30 -30.08
CA ARG B 350 -36.49 8.00 -29.97
C ARG B 350 -37.38 7.25 -28.98
N GLU B 351 -37.27 5.94 -28.89
CA GLU B 351 -38.10 5.08 -28.00
C GLU B 351 -37.82 5.42 -26.52
N ASN B 352 -36.58 5.78 -26.17
CA ASN B 352 -36.22 6.28 -24.81
C ASN B 352 -34.95 7.11 -24.91
N PRO B 353 -35.06 8.43 -25.13
CA PRO B 353 -33.90 9.32 -25.18
C PRO B 353 -33.09 9.39 -23.87
N ALA B 354 -33.77 9.31 -22.72
CA ALA B 354 -33.15 9.40 -21.38
C ALA B 354 -32.14 8.26 -21.25
N GLN B 355 -32.59 7.03 -21.49
CA GLN B 355 -31.76 5.78 -21.40
C GLN B 355 -30.65 5.82 -22.46
N ALA B 356 -30.96 6.27 -23.68
CA ALA B 356 -30.00 6.48 -24.78
C ALA B 356 -28.84 7.35 -24.31
N ARG B 357 -29.13 8.55 -23.80
CA ARG B 357 -28.13 9.54 -23.30
C ARG B 357 -27.25 8.90 -22.23
N LEU B 358 -27.91 8.32 -21.22
CA LEU B 358 -27.26 7.68 -20.04
C LEU B 358 -26.40 6.50 -20.52
N ALA B 359 -27.03 5.51 -21.17
CA ALA B 359 -26.38 4.22 -21.52
C ALA B 359 -25.25 4.44 -22.54
N LEU B 360 -25.48 5.19 -23.61
CA LEU B 360 -24.46 5.34 -24.69
C LEU B 360 -23.26 6.13 -24.17
N SER B 361 -23.49 7.15 -23.36
CA SER B 361 -22.43 8.02 -22.77
C SER B 361 -21.61 7.20 -21.77
N MET B 362 -22.26 6.27 -21.06
CA MET B 362 -21.57 5.35 -20.12
C MET B 362 -20.71 4.34 -20.91
N ALA B 363 -21.21 3.81 -22.02
CA ALA B 363 -20.51 2.83 -22.87
C ALA B 363 -19.28 3.48 -23.55
N ALA B 364 -19.41 4.74 -23.99
CA ALA B 364 -18.33 5.53 -24.63
C ALA B 364 -17.17 5.73 -23.64
N ALA B 365 -17.47 6.19 -22.42
CA ALA B 365 -16.45 6.42 -21.36
C ALA B 365 -15.70 5.12 -21.08
N GLN B 366 -16.40 3.99 -21.06
CA GLN B 366 -15.83 2.66 -20.77
C GLN B 366 -14.92 2.22 -21.92
N SER B 367 -15.36 2.42 -23.16
CA SER B 367 -14.57 2.10 -24.39
C SER B 367 -13.32 2.99 -24.43
N ASP B 368 -13.47 4.28 -24.13
CA ASP B 368 -12.33 5.23 -24.01
C ASP B 368 -11.32 4.72 -22.98
N ALA B 369 -11.76 4.43 -21.76
CA ALA B 369 -10.88 3.98 -20.67
C ALA B 369 -10.16 2.70 -21.12
N PHE B 370 -10.91 1.75 -21.68
CA PHE B 370 -10.39 0.46 -22.20
C PHE B 370 -9.25 0.74 -23.17
N SER B 371 -9.43 1.73 -24.06
CA SER B 371 -8.50 2.03 -25.19
C SER B 371 -7.14 2.49 -24.66
N HIS B 372 -7.09 3.13 -23.49
CA HIS B 372 -5.86 3.68 -22.87
C HIS B 372 -5.10 2.61 -22.06
N GLN B 373 -5.65 1.40 -21.90
CA GLN B 373 -5.08 0.37 -21.00
C GLN B 373 -3.87 -0.33 -21.65
N GLN B 374 -3.87 -0.46 -22.98
CA GLN B 374 -2.75 -1.02 -23.79
C GLN B 374 -2.99 -0.68 -25.27
N ALA B 375 -1.99 -0.91 -26.13
CA ALA B 375 -2.11 -0.73 -27.60
C ALA B 375 -3.01 -1.84 -28.16
N GLY B 376 -3.78 -1.53 -29.22
CA GLY B 376 -4.69 -2.47 -29.90
C GLY B 376 -6.03 -2.63 -29.18
N ASN B 377 -6.34 -1.78 -28.19
CA ASN B 377 -7.60 -1.88 -27.40
C ASN B 377 -8.69 -1.07 -28.11
N SER B 378 -9.09 -1.53 -29.29
CA SER B 378 -9.97 -0.81 -30.24
C SER B 378 -11.44 -0.92 -29.80
N GLN B 379 -12.28 -0.18 -30.48
CA GLN B 379 -13.73 -0.07 -30.22
C GLN B 379 -14.37 -1.47 -30.38
N GLU B 380 -13.96 -2.21 -31.41
CA GLU B 380 -14.44 -3.59 -31.69
C GLU B 380 -13.87 -4.57 -30.66
N GLN B 381 -12.65 -4.35 -30.16
CA GLN B 381 -12.06 -5.18 -29.07
C GLN B 381 -12.81 -4.95 -27.74
N ALA B 382 -13.20 -3.72 -27.42
CA ALA B 382 -13.94 -3.38 -26.19
C ALA B 382 -15.29 -4.10 -26.18
N ALA B 383 -15.99 -4.10 -27.32
CA ALA B 383 -17.33 -4.71 -27.51
C ALA B 383 -17.37 -6.15 -26.98
N SER B 384 -16.38 -6.96 -27.32
CA SER B 384 -16.35 -8.41 -27.02
C SER B 384 -15.27 -8.76 -25.98
N ALA B 385 -14.78 -7.79 -25.19
CA ALA B 385 -13.78 -8.05 -24.13
C ALA B 385 -14.46 -8.70 -22.91
N ASP B 386 -13.71 -9.52 -22.18
CA ASP B 386 -14.09 -9.97 -20.81
C ASP B 386 -14.30 -8.73 -19.94
N VAL B 387 -14.97 -8.92 -18.81
CA VAL B 387 -15.15 -7.89 -17.76
C VAL B 387 -14.25 -8.31 -16.59
N VAL B 388 -13.42 -7.41 -16.09
CA VAL B 388 -12.71 -7.60 -14.80
C VAL B 388 -13.36 -6.67 -13.76
N ASN B 389 -14.06 -7.31 -12.82
CA ASN B 389 -14.67 -6.69 -11.62
C ASN B 389 -13.59 -6.59 -10.53
N LEU B 390 -13.37 -5.40 -9.98
CA LEU B 390 -12.39 -5.17 -8.89
C LEU B 390 -13.12 -4.84 -7.59
N THR B 391 -12.87 -5.60 -6.53
CA THR B 391 -13.29 -5.28 -5.14
C THR B 391 -12.20 -4.39 -4.52
N CYS B 392 -12.47 -3.10 -4.47
CA CYS B 392 -11.50 -2.06 -4.05
C CYS B 392 -11.44 -2.01 -2.53
N PRO B 393 -10.24 -2.17 -1.93
CA PRO B 393 -10.07 -2.17 -0.48
C PRO B 393 -10.51 -0.85 0.17
N ALA B 394 -11.25 -0.93 1.28
CA ALA B 394 -11.89 0.23 1.95
C ALA B 394 -10.84 1.23 2.47
N ALA B 395 -9.65 0.76 2.87
CA ALA B 395 -8.58 1.59 3.48
C ALA B 395 -8.14 2.70 2.53
N ASP B 396 -7.56 2.36 1.37
CA ASP B 396 -6.91 3.31 0.44
C ASP B 396 -7.91 3.86 -0.59
N LEU B 397 -7.61 5.02 -1.17
CA LEU B 397 -8.34 5.65 -2.30
C LEU B 397 -7.74 5.21 -3.63
N ASN B 398 -6.57 4.58 -3.59
CA ASN B 398 -5.93 3.91 -4.76
C ASN B 398 -6.44 2.46 -4.82
N CYS B 399 -6.96 2.06 -5.98
CA CYS B 399 -7.43 0.69 -6.28
C CYS B 399 -6.77 0.28 -7.60
N LEU B 400 -5.53 -0.21 -7.52
CA LEU B 400 -4.74 -0.62 -8.72
C LEU B 400 -5.32 -1.92 -9.27
N ALA B 401 -5.52 -2.00 -10.58
CA ALA B 401 -5.85 -3.26 -11.28
C ALA B 401 -4.56 -4.07 -11.43
N PRO B 402 -4.61 -5.42 -11.36
CA PRO B 402 -3.45 -6.24 -11.69
C PRO B 402 -3.04 -6.04 -13.17
N ALA B 403 -1.81 -6.41 -13.54
CA ALA B 403 -1.24 -6.22 -14.90
C ALA B 403 -2.07 -7.00 -15.93
N ASP B 404 -2.42 -8.26 -15.60
CA ASP B 404 -3.08 -9.25 -16.48
C ASP B 404 -4.53 -8.84 -16.80
N SER B 405 -4.96 -7.60 -16.52
CA SER B 405 -6.35 -7.14 -16.74
C SER B 405 -6.44 -6.02 -17.79
N ALA B 406 -5.34 -5.71 -18.50
CA ALA B 406 -5.23 -4.62 -19.51
C ALA B 406 -6.14 -4.89 -20.71
N ASP B 407 -6.37 -6.17 -21.01
CA ASP B 407 -7.14 -6.69 -22.15
C ASP B 407 -8.66 -6.76 -21.83
N ALA B 408 -9.09 -6.31 -20.64
CA ALA B 408 -10.48 -6.47 -20.15
C ALA B 408 -11.11 -5.12 -19.84
N LEU B 409 -12.43 -5.04 -19.93
CA LEU B 409 -13.25 -3.90 -19.43
C LEU B 409 -13.17 -3.97 -17.91
N GLN B 410 -12.83 -2.85 -17.28
CA GLN B 410 -12.57 -2.80 -15.81
C GLN B 410 -13.75 -2.09 -15.13
N GLU B 411 -14.20 -2.68 -14.04
CA GLU B 411 -15.28 -2.13 -13.18
C GLU B 411 -14.77 -2.14 -11.74
N ARG B 412 -14.81 -0.98 -11.09
CA ARG B 412 -14.41 -0.80 -9.67
C ARG B 412 -15.70 -0.84 -8.83
N ASP B 413 -15.81 -1.83 -7.94
CA ASP B 413 -16.96 -2.01 -7.00
C ASP B 413 -16.65 -1.27 -5.70
N TYR B 414 -17.40 -0.21 -5.41
CA TYR B 414 -17.40 0.52 -4.12
C TYR B 414 -18.81 0.46 -3.56
N PRO B 415 -19.01 0.71 -2.26
CA PRO B 415 -20.36 0.75 -1.71
C PRO B 415 -21.15 1.87 -2.39
N ASN B 416 -22.45 1.65 -2.60
CA ASN B 416 -23.36 2.60 -3.27
C ASN B 416 -24.40 3.13 -2.28
N GLY B 417 -25.19 4.12 -2.69
CA GLY B 417 -26.28 4.72 -1.90
C GLY B 417 -27.23 3.68 -1.33
N ALA B 418 -27.61 2.67 -2.12
CA ALA B 418 -28.63 1.65 -1.77
C ALA B 418 -28.27 0.97 -0.45
N SER B 419 -26.96 0.83 -0.18
CA SER B 419 -26.38 0.20 1.04
C SER B 419 -26.68 1.03 2.29
N PHE B 420 -26.92 2.33 2.12
CA PHE B 420 -27.01 3.33 3.22
C PHE B 420 -28.44 3.85 3.38
N LEU B 421 -29.40 3.33 2.61
CA LEU B 421 -30.81 3.82 2.66
C LEU B 421 -31.43 3.44 4.01
N GLY B 422 -30.89 2.41 4.67
CA GLY B 422 -31.42 1.87 5.94
C GLY B 422 -32.73 1.13 5.69
N ASP B 423 -33.46 0.83 6.77
CA ASP B 423 -34.72 0.04 6.73
C ASP B 423 -35.89 0.96 6.39
N GLY B 424 -36.93 0.38 5.78
CA GLY B 424 -38.09 1.11 5.21
C GLY B 424 -38.51 0.44 3.92
N ASP B 425 -39.59 0.91 3.30
CA ASP B 425 -40.09 0.37 2.00
C ASP B 425 -39.13 0.80 0.89
N GLU B 426 -39.32 0.26 -0.32
CA GLU B 426 -38.42 0.50 -1.48
C GLU B 426 -38.43 1.99 -1.82
N VAL B 427 -37.25 2.59 -1.91
CA VAL B 427 -37.07 3.98 -2.43
C VAL B 427 -37.13 3.90 -3.95
N SER B 428 -37.79 4.86 -4.59
CA SER B 428 -37.84 4.99 -6.06
C SER B 428 -38.06 6.46 -6.40
N PHE B 429 -37.78 6.83 -7.64
CA PHE B 429 -37.83 8.23 -8.13
C PHE B 429 -39.01 8.38 -9.09
N SER B 430 -39.66 9.54 -9.06
CA SER B 430 -40.79 9.88 -9.95
C SER B 430 -40.91 11.40 -10.05
N THR B 431 -41.62 11.87 -11.08
CA THR B 431 -41.93 13.30 -11.32
C THR B 431 -42.71 13.87 -10.13
N ALA B 432 -43.45 13.00 -9.43
CA ALA B 432 -44.34 13.34 -8.29
C ALA B 432 -43.54 13.38 -6.97
N GLY B 433 -42.23 13.09 -7.01
CA GLY B 433 -41.33 13.13 -5.84
C GLY B 433 -40.75 11.76 -5.52
N THR B 434 -39.76 11.72 -4.63
CA THR B 434 -39.10 10.47 -4.18
C THR B 434 -40.04 9.74 -3.20
N ARG B 435 -40.15 8.43 -3.33
CA ARG B 435 -41.06 7.59 -2.51
C ARG B 435 -40.27 7.06 -1.32
N ASN B 436 -40.94 6.93 -0.15
CA ASN B 436 -40.42 6.22 1.05
C ASN B 436 -39.08 6.82 1.48
N TRP B 437 -39.00 8.15 1.52
CA TRP B 437 -37.77 8.89 1.87
C TRP B 437 -38.14 10.17 2.62
N SER B 438 -38.41 10.02 3.92
CA SER B 438 -38.72 11.10 4.90
C SER B 438 -37.43 11.79 5.36
N VAL B 439 -37.54 12.97 5.98
CA VAL B 439 -36.43 13.71 6.64
C VAL B 439 -35.88 12.86 7.79
N THR B 440 -36.70 11.99 8.41
CA THR B 440 -36.31 11.04 9.47
C THR B 440 -35.33 10.00 8.90
N ARG B 441 -35.71 9.36 7.79
CA ARG B 441 -34.89 8.31 7.12
C ARG B 441 -33.56 8.92 6.62
N LEU B 442 -33.60 10.12 6.05
CA LEU B 442 -32.38 10.84 5.56
C LEU B 442 -31.40 11.07 6.72
N GLU B 443 -31.91 11.56 7.86
CA GLU B 443 -31.14 11.85 9.10
C GLU B 443 -30.41 10.58 9.56
N GLN B 444 -31.10 9.43 9.54
CA GLN B 444 -30.56 8.11 9.93
C GLN B 444 -29.45 7.70 8.96
N ALA B 445 -29.64 7.91 7.65
CA ALA B 445 -28.65 7.63 6.59
C ALA B 445 -27.39 8.48 6.81
N HIS B 446 -27.55 9.80 6.96
CA HIS B 446 -26.45 10.76 7.25
C HIS B 446 -25.58 10.26 8.42
N ARG B 447 -26.21 9.75 9.49
CA ARG B 447 -25.51 9.28 10.72
C ARG B 447 -24.68 8.02 10.40
N GLN B 448 -25.28 7.05 9.70
CA GLN B 448 -24.59 5.81 9.24
C GLN B 448 -23.38 6.18 8.36
N LEU B 449 -23.54 7.18 7.48
CA LEU B 449 -22.47 7.62 6.54
C LEU B 449 -21.29 8.22 7.34
N LEU B 450 -21.56 9.14 8.27
CA LEU B 450 -20.51 9.76 9.15
C LEU B 450 -19.79 8.66 9.95
N ALA B 451 -20.54 7.65 10.43
CA ALA B 451 -20.04 6.56 11.30
C ALA B 451 -19.19 5.58 10.49
N ARG B 452 -19.42 5.47 9.17
CA ARG B 452 -18.66 4.57 8.27
C ARG B 452 -17.54 5.38 7.58
N GLY B 453 -17.27 6.60 8.03
CA GLY B 453 -16.10 7.39 7.62
C GLY B 453 -16.31 8.12 6.31
N TYR B 454 -17.52 8.67 6.07
CA TYR B 454 -17.85 9.51 4.89
C TYR B 454 -18.20 10.93 5.34
N LEU B 455 -18.08 11.88 4.41
CA LEU B 455 -18.48 13.30 4.63
C LEU B 455 -19.22 13.83 3.39
N PHE B 456 -20.11 14.77 3.63
CA PHE B 456 -20.99 15.46 2.65
C PHE B 456 -20.17 16.53 1.92
N VAL B 457 -20.26 16.56 0.58
CA VAL B 457 -19.57 17.56 -0.27
C VAL B 457 -20.57 18.36 -1.11
N GLY B 458 -21.87 18.01 -1.07
CA GLY B 458 -22.89 18.81 -1.78
C GLY B 458 -23.94 17.98 -2.51
N TYR B 459 -24.69 18.67 -3.36
CA TYR B 459 -25.89 18.16 -4.06
C TYR B 459 -25.54 17.92 -5.53
N HIS B 460 -26.13 16.88 -6.12
CA HIS B 460 -26.08 16.59 -7.57
C HIS B 460 -27.51 16.59 -8.14
N GLY B 461 -27.75 17.41 -9.15
CA GLY B 461 -29.01 17.44 -9.92
C GLY B 461 -28.90 16.60 -11.19
N THR B 462 -29.85 15.69 -11.41
CA THR B 462 -29.87 14.84 -12.62
C THR B 462 -31.31 14.38 -12.91
N PHE B 463 -31.48 13.59 -13.98
CA PHE B 463 -32.79 13.09 -14.47
C PHE B 463 -33.06 11.74 -13.79
N LEU B 464 -34.28 11.21 -13.88
CA LEU B 464 -34.77 10.12 -12.98
C LEU B 464 -33.97 8.84 -13.20
N GLU B 465 -33.65 8.51 -14.45
CA GLU B 465 -32.96 7.25 -14.82
C GLU B 465 -31.50 7.32 -14.35
N ALA B 466 -30.87 8.50 -14.37
CA ALA B 466 -29.48 8.70 -13.89
C ALA B 466 -29.46 8.49 -12.38
N ALA B 467 -30.45 9.06 -11.69
CA ALA B 467 -30.61 9.00 -10.23
C ALA B 467 -30.68 7.53 -9.82
N HIS B 468 -31.43 6.70 -10.55
CA HIS B 468 -31.56 5.24 -10.27
C HIS B 468 -30.20 4.56 -10.39
N SER B 469 -29.48 4.80 -11.48
CA SER B 469 -28.13 4.21 -11.74
C SER B 469 -27.19 4.57 -10.59
N ILE B 470 -27.17 5.86 -10.24
CA ILE B 470 -26.21 6.48 -9.28
C ILE B 470 -26.46 5.91 -7.87
N VAL B 471 -27.73 5.78 -7.44
CA VAL B 471 -28.06 5.35 -6.05
C VAL B 471 -27.96 3.82 -5.94
N PHE B 472 -28.55 3.08 -6.87
CA PHE B 472 -28.78 1.63 -6.75
C PHE B 472 -27.67 0.81 -7.39
N GLU B 473 -26.80 1.41 -8.21
CA GLU B 473 -25.58 0.74 -8.71
C GLU B 473 -24.33 1.46 -8.18
N GLY B 474 -24.24 2.77 -8.37
CA GLY B 474 -23.09 3.61 -8.00
C GLY B 474 -22.80 4.65 -9.06
N VAL B 475 -21.93 5.59 -8.73
CA VAL B 475 -21.46 6.65 -9.66
C VAL B 475 -20.55 5.98 -10.70
N HIS B 476 -20.85 6.20 -11.97
CA HIS B 476 -20.04 5.67 -13.10
C HIS B 476 -19.76 6.80 -14.09
N GLU B 477 -18.54 6.79 -14.63
CA GLU B 477 -18.04 7.85 -15.54
C GLU B 477 -18.91 7.85 -16.78
N ARG B 478 -19.31 9.03 -17.23
CA ARG B 478 -19.94 9.23 -18.55
C ARG B 478 -19.06 10.14 -19.41
N ASP B 479 -19.05 9.90 -20.71
CA ASP B 479 -18.28 10.70 -21.70
C ASP B 479 -18.61 12.19 -21.54
N GLN B 480 -17.57 13.02 -21.38
CA GLN B 480 -17.66 14.50 -21.34
C GLN B 480 -16.49 15.08 -22.16
N SER B 481 -16.14 14.48 -23.30
CA SER B 481 -14.97 14.89 -24.13
C SER B 481 -15.09 16.37 -24.55
N SER B 482 -16.31 16.90 -24.64
CA SER B 482 -16.61 18.27 -25.15
C SER B 482 -16.22 19.37 -24.14
N ILE B 483 -15.98 19.01 -22.88
CA ILE B 483 -15.65 19.97 -21.77
C ILE B 483 -14.23 19.71 -21.26
N ALA B 484 -13.48 18.78 -21.88
CA ALA B 484 -12.08 18.49 -21.51
C ALA B 484 -11.32 19.82 -21.42
N PRO B 485 -10.42 20.01 -20.44
CA PRO B 485 -10.03 18.99 -19.46
C PRO B 485 -10.79 19.00 -18.11
N TRP B 486 -12.07 19.41 -18.10
CA TRP B 486 -12.89 19.60 -16.87
C TRP B 486 -13.86 18.42 -16.62
N GLN B 487 -13.50 17.21 -17.04
CA GLN B 487 -14.33 16.00 -16.81
C GLN B 487 -14.45 15.76 -15.30
N GLY B 488 -15.64 15.38 -14.84
CA GLY B 488 -15.86 14.91 -13.47
C GLY B 488 -17.32 14.91 -13.10
N PHE B 489 -17.61 14.61 -11.84
CA PHE B 489 -18.98 14.58 -11.26
C PHE B 489 -19.24 15.94 -10.62
N TYR B 490 -20.21 16.69 -11.16
CA TYR B 490 -20.50 18.08 -10.73
C TYR B 490 -21.49 18.05 -9.57
N VAL B 491 -21.09 18.66 -8.46
CA VAL B 491 -21.92 18.86 -7.23
C VAL B 491 -21.88 20.35 -6.87
N ALA B 492 -22.89 20.83 -6.15
CA ALA B 492 -22.98 22.21 -5.63
C ALA B 492 -23.23 22.12 -4.13
N GLY B 493 -22.47 22.88 -3.34
CA GLY B 493 -22.71 23.04 -1.90
C GLY B 493 -24.09 23.60 -1.66
N ASP B 494 -24.51 24.53 -2.52
CA ASP B 494 -25.84 25.21 -2.49
C ASP B 494 -26.82 24.44 -3.37
N PRO B 495 -27.87 23.83 -2.77
CA PRO B 495 -28.81 22.99 -3.53
C PRO B 495 -29.50 23.74 -4.68
N ALA B 496 -29.57 25.07 -4.62
CA ALA B 496 -30.26 25.93 -5.60
C ALA B 496 -29.48 25.93 -6.93
N LEU B 497 -28.15 25.80 -6.87
CA LEU B 497 -27.29 25.72 -8.09
C LEU B 497 -27.46 24.35 -8.76
N ALA B 498 -27.54 23.27 -7.98
CA ALA B 498 -27.72 21.88 -8.45
C ALA B 498 -29.13 21.73 -9.04
N TYR B 499 -30.10 22.41 -8.42
CA TYR B 499 -31.54 22.32 -8.74
C TYR B 499 -31.75 22.54 -10.23
N GLY B 500 -31.07 23.54 -10.80
CA GLY B 500 -31.21 23.92 -12.22
C GLY B 500 -30.84 22.81 -13.17
N TYR B 501 -30.11 21.79 -12.70
CA TYR B 501 -29.62 20.61 -13.49
C TYR B 501 -30.47 19.37 -13.20
N ALA B 502 -31.43 19.47 -12.28
CA ALA B 502 -32.30 18.34 -11.84
C ALA B 502 -33.55 18.31 -12.74
N GLN B 503 -33.34 18.18 -14.04
CA GLN B 503 -34.42 18.05 -15.06
C GLN B 503 -33.80 17.45 -16.33
N ASP B 504 -34.62 16.84 -17.19
CA ASP B 504 -34.21 16.39 -18.55
C ASP B 504 -33.52 17.57 -19.25
N GLN B 505 -32.36 17.31 -19.86
CA GLN B 505 -31.61 18.31 -20.67
C GLN B 505 -32.27 18.49 -22.04
N GLU B 506 -32.93 17.45 -22.54
CA GLU B 506 -33.52 17.43 -23.92
C GLU B 506 -34.90 16.78 -23.85
N ALA B 507 -35.79 17.24 -24.74
CA ALA B 507 -37.17 16.74 -24.90
C ALA B 507 -37.13 15.30 -25.42
N ASP B 508 -38.07 14.44 -24.98
CA ASP B 508 -38.31 13.09 -25.54
C ASP B 508 -38.85 13.24 -26.97
N ALA B 509 -39.28 12.13 -27.60
CA ALA B 509 -39.73 12.07 -29.02
C ALA B 509 -40.97 12.95 -29.23
N ARG B 510 -41.84 13.02 -28.21
CA ARG B 510 -43.15 13.73 -28.20
C ARG B 510 -43.01 15.16 -27.63
N GLY B 511 -41.79 15.62 -27.34
CA GLY B 511 -41.49 16.99 -26.89
C GLY B 511 -41.57 17.21 -25.38
N ARG B 512 -41.81 16.19 -24.55
CA ARG B 512 -42.00 16.32 -23.07
C ARG B 512 -40.64 16.54 -22.38
N ILE B 513 -40.64 17.32 -21.30
CA ILE B 513 -39.47 17.56 -20.40
C ILE B 513 -39.94 17.35 -18.96
N ARG B 514 -39.32 16.40 -18.25
CA ARG B 514 -39.70 16.01 -16.87
C ARG B 514 -38.79 16.74 -15.88
N ASN B 515 -39.29 16.95 -14.67
CA ASN B 515 -38.45 17.38 -13.51
C ASN B 515 -37.56 16.19 -13.13
N GLY B 516 -36.44 16.47 -12.47
CA GLY B 516 -35.48 15.44 -12.07
C GLY B 516 -35.49 15.22 -10.57
N VAL B 517 -34.30 14.98 -10.02
CA VAL B 517 -34.04 14.59 -8.61
C VAL B 517 -32.82 15.38 -8.13
N LEU B 518 -32.86 15.81 -6.87
CA LEU B 518 -31.67 16.30 -6.12
C LEU B 518 -31.16 15.14 -5.28
N LEU B 519 -29.84 14.90 -5.36
CA LEU B 519 -29.13 13.85 -4.61
C LEU B 519 -28.05 14.50 -3.75
N ARG B 520 -27.70 13.83 -2.66
CA ARG B 520 -26.62 14.22 -1.71
C ARG B 520 -25.40 13.33 -1.97
N VAL B 521 -24.22 13.94 -2.13
CA VAL B 521 -22.94 13.25 -2.48
C VAL B 521 -22.05 13.21 -1.25
N TYR B 522 -21.58 12.02 -0.90
CA TYR B 522 -20.64 11.75 0.24
C TYR B 522 -19.37 11.09 -0.30
N VAL B 523 -18.18 11.57 0.10
CA VAL B 523 -16.88 10.97 -0.28
C VAL B 523 -16.22 10.38 0.96
N PRO B 524 -15.36 9.35 0.80
CA PRO B 524 -14.59 8.81 1.92
C PRO B 524 -13.77 9.91 2.60
N ARG B 525 -13.67 9.82 3.94
CA ARG B 525 -12.95 10.77 4.83
C ARG B 525 -11.50 10.96 4.38
N ALA B 526 -10.84 9.88 3.96
CA ALA B 526 -9.43 9.84 3.50
C ALA B 526 -9.18 10.85 2.36
N ALA B 527 -10.22 11.29 1.65
CA ALA B 527 -10.11 12.23 0.49
C ALA B 527 -10.07 13.67 0.97
N LEU B 528 -10.30 13.93 2.26
CA LEU B 528 -10.44 15.30 2.84
C LEU B 528 -9.24 16.17 2.47
N PRO B 529 -7.97 15.69 2.62
CA PRO B 529 -6.81 16.48 2.21
C PRO B 529 -6.76 16.79 0.71
N ARG B 530 -7.51 16.03 -0.10
CA ARG B 530 -7.50 16.13 -1.59
C ARG B 530 -8.70 16.95 -2.08
N LEU B 531 -9.45 17.61 -1.19
CA LEU B 531 -10.58 18.50 -1.58
C LEU B 531 -10.08 19.95 -1.66
N PHE B 532 -9.76 20.42 -2.86
CA PHE B 532 -9.16 21.76 -3.11
C PHE B 532 -10.27 22.75 -3.43
N ALA B 533 -10.03 24.04 -3.14
CA ALA B 533 -10.86 25.19 -3.56
C ALA B 533 -9.97 26.29 -4.11
N THR B 534 -10.56 27.19 -4.91
CA THR B 534 -9.93 28.37 -5.54
C THR B 534 -10.98 29.48 -5.62
N GLN B 535 -10.56 30.74 -5.57
CA GLN B 535 -11.49 31.90 -5.73
C GLN B 535 -11.49 32.35 -7.19
N GLN B 536 -10.43 32.04 -7.94
CA GLN B 536 -10.32 32.39 -9.38
C GLN B 536 -11.27 31.48 -10.16
N THR B 537 -12.12 32.07 -11.01
CA THR B 537 -13.17 31.38 -11.80
C THR B 537 -12.57 30.14 -12.48
N LEU B 538 -13.36 29.08 -12.63
CA LEU B 538 -12.96 27.80 -13.27
C LEU B 538 -12.97 27.92 -14.79
N ALA B 539 -13.21 29.12 -15.33
CA ALA B 539 -13.22 29.42 -16.78
C ALA B 539 -12.05 30.33 -17.16
N ALA B 540 -11.33 30.88 -16.17
CA ALA B 540 -10.25 31.88 -16.34
C ALA B 540 -9.21 31.37 -17.33
N PRO B 541 -8.50 32.27 -18.05
CA PRO B 541 -7.56 31.85 -19.09
C PRO B 541 -6.53 30.86 -18.52
N GLY B 542 -6.01 31.16 -17.32
CA GLY B 542 -4.96 30.36 -16.64
C GLY B 542 -5.50 29.46 -15.56
N ALA B 543 -6.81 29.18 -15.56
CA ALA B 543 -7.50 28.30 -14.58
C ALA B 543 -6.92 26.88 -14.67
N VAL B 544 -6.83 26.37 -15.90
CA VAL B 544 -6.36 24.99 -16.19
C VAL B 544 -5.01 24.77 -15.51
N ASP B 545 -4.05 25.69 -15.72
CA ASP B 545 -2.66 25.49 -15.24
C ASP B 545 -2.60 25.80 -13.73
N GLU B 546 -3.34 26.82 -13.27
CA GLU B 546 -3.40 27.19 -11.83
C GLU B 546 -3.89 26.00 -11.00
N ILE B 547 -4.98 25.36 -11.44
CA ILE B 547 -5.58 24.19 -10.76
C ILE B 547 -4.64 22.98 -10.89
N GLY B 548 -4.00 22.82 -12.05
CA GLY B 548 -2.94 21.82 -12.26
C GLY B 548 -1.80 21.97 -11.26
N ARG B 549 -1.41 23.22 -10.96
CA ARG B 549 -0.38 23.52 -9.93
C ARG B 549 -0.90 23.10 -8.55
N LEU B 550 -2.15 23.43 -8.23
CA LEU B 550 -2.81 23.16 -6.92
C LEU B 550 -2.90 21.64 -6.64
N ILE B 551 -3.23 20.82 -7.64
CA ILE B 551 -3.47 19.35 -7.45
C ILE B 551 -2.18 18.55 -7.73
N GLY B 552 -1.12 19.21 -8.21
CA GLY B 552 0.21 18.63 -8.42
C GLY B 552 0.29 17.71 -9.64
N HIS B 553 -0.58 17.92 -10.63
CA HIS B 553 -0.54 17.23 -11.95
C HIS B 553 -1.53 17.91 -12.88
N PRO B 554 -1.38 17.81 -14.22
CA PRO B 554 -2.32 18.46 -15.13
C PRO B 554 -3.72 17.83 -15.05
N LEU B 555 -4.75 18.65 -15.28
CA LEU B 555 -6.15 18.19 -15.46
C LEU B 555 -6.16 17.16 -16.59
N PRO B 556 -7.12 16.21 -16.65
CA PRO B 556 -8.29 16.21 -15.77
C PRO B 556 -8.07 15.67 -14.35
N LEU B 557 -8.99 16.02 -13.46
CA LEU B 557 -9.00 15.59 -12.03
C LEU B 557 -8.99 14.07 -11.96
N GLN B 558 -8.26 13.52 -10.98
CA GLN B 558 -8.18 12.08 -10.63
C GLN B 558 -8.75 11.90 -9.23
N LEU B 559 -7.91 11.65 -8.21
CA LEU B 559 -8.31 11.42 -6.78
C LEU B 559 -8.31 12.76 -6.02
N GLU B 560 -9.00 13.75 -6.58
CA GLU B 560 -9.08 15.15 -6.08
C GLU B 560 -10.43 15.75 -6.48
N ALA B 561 -10.87 16.77 -5.75
CA ALA B 561 -11.99 17.65 -6.12
C ALA B 561 -11.47 19.08 -6.17
N ILE B 562 -12.04 19.91 -7.05
CA ILE B 562 -11.82 21.37 -7.08
C ILE B 562 -13.18 22.05 -6.90
N THR B 563 -13.22 23.09 -6.06
CA THR B 563 -14.39 23.97 -5.83
C THR B 563 -13.99 25.38 -6.22
N GLY B 564 -14.76 26.02 -7.11
CA GLY B 564 -14.52 27.39 -7.56
C GLY B 564 -15.79 28.01 -8.13
N PRO B 565 -15.83 29.34 -8.36
CA PRO B 565 -17.04 30.00 -8.86
C PRO B 565 -17.43 29.46 -10.24
N GLU B 566 -18.73 29.22 -10.44
CA GLU B 566 -19.36 28.80 -11.71
C GLU B 566 -18.82 29.68 -12.85
N GLU B 567 -19.03 31.00 -12.74
CA GLU B 567 -18.53 32.03 -13.68
C GLU B 567 -17.71 33.04 -12.86
N GLU B 568 -17.91 34.35 -13.04
CA GLU B 568 -17.31 35.42 -12.19
C GLU B 568 -18.43 36.08 -11.38
N GLY B 569 -18.33 36.06 -10.05
CA GLY B 569 -19.38 36.51 -9.12
C GLY B 569 -20.52 35.50 -9.05
N GLY B 570 -20.27 34.26 -9.47
CA GLY B 570 -21.27 33.17 -9.51
C GLY B 570 -21.24 32.35 -8.22
N ARG B 571 -22.08 31.32 -8.16
CA ARG B 571 -22.17 30.39 -7.00
C ARG B 571 -21.05 29.35 -7.14
N LEU B 572 -20.75 28.63 -6.05
CA LEU B 572 -19.60 27.69 -5.95
C LEU B 572 -19.98 26.31 -6.54
N ALA B 573 -19.25 25.88 -7.57
CA ALA B 573 -19.36 24.54 -8.20
C ALA B 573 -18.19 23.67 -7.74
N THR B 574 -18.46 22.41 -7.42
CA THR B 574 -17.46 21.40 -7.01
C THR B 574 -17.40 20.31 -8.07
N ILE B 575 -16.23 20.10 -8.68
CA ILE B 575 -15.97 18.97 -9.62
C ILE B 575 -15.21 17.88 -8.86
N LEU B 576 -15.81 16.71 -8.73
CA LEU B 576 -15.14 15.48 -8.24
C LEU B 576 -14.48 14.80 -9.45
N GLY B 577 -13.17 14.56 -9.39
CA GLY B 577 -12.48 13.69 -10.36
C GLY B 577 -13.21 12.37 -10.43
N TRP B 578 -13.29 11.76 -11.61
CA TRP B 578 -14.08 10.52 -11.82
C TRP B 578 -13.56 9.38 -10.91
N ARG B 579 -12.27 9.31 -10.66
CA ARG B 579 -11.73 8.20 -9.82
C ARG B 579 -12.19 8.40 -8.36
N LEU B 580 -12.36 9.65 -7.92
CA LEU B 580 -12.92 9.96 -6.57
C LEU B 580 -14.44 9.73 -6.58
N ALA B 581 -15.12 10.28 -7.58
CA ALA B 581 -16.59 10.21 -7.72
C ALA B 581 -17.05 8.75 -7.61
N GLU B 582 -16.32 7.81 -8.22
CA GLU B 582 -16.71 6.37 -8.21
C GLU B 582 -16.76 5.83 -6.78
N GLN B 583 -16.00 6.43 -5.85
CA GLN B 583 -15.94 6.02 -4.41
C GLN B 583 -16.94 6.85 -3.60
N ALA B 584 -17.62 7.80 -4.25
CA ALA B 584 -18.66 8.59 -3.58
C ALA B 584 -19.85 7.67 -3.29
N VAL B 585 -20.60 7.97 -2.24
CA VAL B 585 -21.92 7.34 -1.95
C VAL B 585 -22.95 8.44 -2.19
N VAL B 586 -23.99 8.14 -2.96
CA VAL B 586 -25.02 9.15 -3.32
C VAL B 586 -26.36 8.62 -2.81
N ILE B 587 -27.03 9.41 -1.97
CA ILE B 587 -28.40 9.10 -1.46
C ILE B 587 -29.32 10.25 -1.87
N PRO B 588 -30.65 10.06 -1.84
CA PRO B 588 -31.58 11.13 -2.15
C PRO B 588 -31.59 12.29 -1.14
N SER B 589 -31.84 13.50 -1.64
CA SER B 589 -32.25 14.71 -0.88
C SER B 589 -33.75 14.61 -0.57
N THR B 590 -34.22 15.31 0.47
CA THR B 590 -35.68 15.48 0.75
C THR B 590 -36.16 16.79 0.13
N ILE B 591 -35.26 17.53 -0.53
CA ILE B 591 -35.60 18.77 -1.29
C ILE B 591 -36.27 18.34 -2.59
N PRO B 592 -37.61 18.49 -2.74
CA PRO B 592 -38.28 18.03 -3.96
C PRO B 592 -38.06 19.00 -5.13
N THR B 593 -38.10 18.48 -6.37
CA THR B 593 -38.22 19.29 -7.61
C THR B 593 -39.70 19.56 -7.87
N ASP B 594 -40.04 20.75 -8.36
CA ASP B 594 -41.45 21.17 -8.62
C ASP B 594 -41.84 20.68 -10.01
N PRO B 595 -42.84 19.77 -10.13
CA PRO B 595 -43.32 19.32 -11.44
C PRO B 595 -43.93 20.47 -12.26
N ARG B 596 -44.50 21.48 -11.58
CA ARG B 596 -45.23 22.61 -12.20
C ARG B 596 -44.25 23.73 -12.62
N ASN B 597 -43.03 23.76 -12.09
CA ASN B 597 -42.06 24.88 -12.28
C ASN B 597 -40.72 24.32 -12.75
N VAL B 598 -40.74 23.48 -13.79
CA VAL B 598 -39.50 22.94 -14.43
C VAL B 598 -38.84 24.10 -15.21
N GLY B 599 -37.63 24.49 -14.80
CA GLY B 599 -36.89 25.67 -15.31
C GLY B 599 -36.90 26.83 -14.32
N GLY B 600 -37.79 26.79 -13.32
CA GLY B 600 -37.84 27.77 -12.21
C GLY B 600 -36.66 27.64 -11.26
N ASP B 601 -36.46 28.66 -10.42
CA ASP B 601 -35.46 28.67 -9.32
C ASP B 601 -36.03 27.84 -8.17
N LEU B 602 -35.15 27.25 -7.36
CA LEU B 602 -35.54 26.50 -6.14
C LEU B 602 -36.25 27.47 -5.18
N ASP B 603 -37.42 27.06 -4.67
CA ASP B 603 -38.12 27.71 -3.53
C ASP B 603 -37.26 27.51 -2.29
N PRO B 604 -36.65 28.58 -1.71
CA PRO B 604 -35.81 28.44 -0.52
C PRO B 604 -36.55 27.89 0.70
N ALA B 605 -37.88 28.04 0.73
CA ALA B 605 -38.76 27.61 1.84
C ALA B 605 -39.03 26.11 1.77
N SER B 606 -38.84 25.45 0.60
CA SER B 606 -39.11 24.00 0.43
C SER B 606 -37.90 23.14 0.83
N VAL B 607 -36.78 23.77 1.23
CA VAL B 607 -35.59 23.11 1.84
C VAL B 607 -35.87 22.87 3.33
N PRO B 608 -36.08 21.62 3.80
CA PRO B 608 -36.29 21.38 5.21
C PRO B 608 -35.06 21.75 6.07
N GLN B 609 -35.33 22.24 7.27
CA GLN B 609 -34.30 22.78 8.21
C GLN B 609 -33.46 21.61 8.74
N GLU B 610 -34.05 20.41 8.81
CA GLU B 610 -33.36 19.17 9.27
C GLU B 610 -32.25 18.80 8.26
N GLU B 611 -32.43 19.10 6.98
CA GLU B 611 -31.48 18.76 5.88
C GLU B 611 -30.37 19.82 5.86
N SER B 612 -30.74 21.11 5.93
CA SER B 612 -29.80 22.27 6.05
C SER B 612 -28.81 22.02 7.18
N ALA B 613 -29.26 21.44 8.29
CA ALA B 613 -28.49 21.23 9.53
C ALA B 613 -27.35 20.23 9.27
N ILE B 614 -27.60 19.22 8.42
CA ILE B 614 -26.63 18.12 8.12
C ILE B 614 -25.84 18.43 6.85
N SER B 615 -25.99 19.64 6.28
CA SER B 615 -25.39 20.04 4.97
C SER B 615 -24.20 21.00 5.16
N THR B 616 -23.56 20.95 6.32
CA THR B 616 -22.30 21.66 6.58
C THR B 616 -21.22 21.10 5.64
N LEU B 617 -20.56 21.97 4.88
CA LEU B 617 -19.48 21.60 3.93
C LEU B 617 -18.15 21.48 4.68
N PRO B 618 -17.18 20.73 4.12
CA PRO B 618 -15.85 20.65 4.70
C PRO B 618 -15.05 21.91 4.34
N ASP B 619 -13.97 22.17 5.09
CA ASP B 619 -13.00 23.26 4.82
C ASP B 619 -12.06 22.79 3.70
N TYR B 620 -12.02 23.51 2.58
CA TYR B 620 -11.26 23.13 1.35
C TYR B 620 -9.88 23.80 1.36
N THR B 621 -8.85 23.08 0.89
CA THR B 621 -7.43 23.52 0.77
C THR B 621 -7.28 24.48 -0.42
N THR B 622 -6.91 25.74 -0.16
CA THR B 622 -6.75 26.80 -1.20
C THR B 622 -5.26 26.97 -1.54
N GLN B 623 -4.96 27.72 -2.62
CA GLN B 623 -3.58 27.99 -3.10
C GLN B 623 -2.86 28.90 -2.10
N PRO B 624 -1.55 28.71 -1.86
CA PRO B 624 -0.78 29.65 -1.02
C PRO B 624 -0.57 31.00 -1.71
#